data_3U9W
#
_entry.id   3U9W
#
_cell.length_a   78.078
_cell.length_b   86.799
_cell.length_c   99.145
_cell.angle_alpha   90.000
_cell.angle_beta   90.000
_cell.angle_gamma   90.000
#
_symmetry.space_group_name_H-M   'P 21 21 21'
#
loop_
_entity.id
_entity.type
_entity.pdbx_description
1 polymer 'Leukotriene A-4 hydrolase'
2 non-polymer 'ZINC ION'
3 non-polymer 'YTTERBIUM (III) ION'
4 non-polymer 'CHLORIDE ION'
5 non-polymer IMIDAZOLE
6 non-polymer GLYCEROL
7 non-polymer N-[3-(4-benzylphenoxy)propyl]-N-methyl-beta-alanine
8 non-polymer 'ACETATE ION'
9 water water
#
_entity_poly.entity_id   1
_entity_poly.type   'polypeptide(L)'
_entity_poly.pdbx_seq_one_letter_code
;IVDTCSLASPASVCRTKHLHLRCSVDFTRRTLTGTAALTVQSQEDNLRSLVLDTKDLTIEKVVINGQEVKYALGERQSYK
GSPMEISLPIALSKNQEIVIEISFETSPKSSALQWLTPEQTSGKEHPYLFSQCQAIHCRAILPCQDTPSVKLTYTAEVSV
PKELVALMSAIRDGETPDPEDPSRKIYKFIQKVPIPCYLIALVVGALESRQIGPRTLVWSEKEQVEKSAYEFSETESMLK
IAEDLGGPYVWGQYDLLVLPPSFPYGGMENPCLTFVTPTLLAGDKSLSNVIAHEISHSWTGNLVTNKTWDHFWLNEGHTV
YLERHICGRLFGEKFRHFNALGGWGELQNSVKTFGETHPFTKLVVDLTDIDPDVAYSSVPYEKGFALLFYLEQLLGGPEI
FLGFLKAYVEKFSYKSITTDDWKDFLYSYFKDKVDVLNQVDWNAWLYSPGLPPIKPNYDMTLTNACIALSQRWITAKEDD
LNSFNATDLKDLSSHQLNEFLAQTLQRAPLPLGHIKRMQEVYNFNAINNSEIRFRWLRLCIQSKWEDAIPLALKMATEQG
RMKFTRPLFKDLAAFDKSHDQAVRTYQEHKASMHPVTAMLVGKDLKVD
;
_entity_poly.pdbx_strand_id   A
#
loop_
_chem_comp.id
_chem_comp.type
_chem_comp.name
_chem_comp.formula
28P non-polymer N-[3-(4-benzylphenoxy)propyl]-N-methyl-beta-alanine 'C20 H25 N O3'
ACT non-polymer 'ACETATE ION' 'C2 H3 O2 -1'
CL non-polymer 'CHLORIDE ION' 'Cl -1'
GOL non-polymer GLYCEROL 'C3 H8 O3'
IMD non-polymer IMIDAZOLE 'C3 H5 N2 1'
YB non-polymer 'YTTERBIUM (III) ION' 'Yb 3'
ZN non-polymer 'ZINC ION' 'Zn 2'
#
# COMPACT_ATOMS: atom_id res chain seq x y z
N ILE A 1 21.07 0.34 -15.25
CA ILE A 1 19.86 0.15 -14.34
C ILE A 1 19.76 1.17 -13.21
N VAL A 2 18.85 2.14 -13.35
CA VAL A 2 18.97 3.34 -12.52
C VAL A 2 17.76 3.50 -11.66
N ASP A 3 17.95 3.69 -10.33
CA ASP A 3 16.80 4.06 -9.48
C ASP A 3 16.62 5.57 -9.60
N THR A 4 15.74 5.97 -10.50
CA THR A 4 15.49 7.38 -10.75
C THR A 4 14.63 8.05 -9.71
N CYS A 5 14.33 7.34 -8.63
CA CYS A 5 13.62 7.96 -7.53
C CYS A 5 14.52 8.22 -6.31
N SER A 6 15.79 7.82 -6.39
CA SER A 6 16.73 7.93 -5.25
C SER A 6 17.91 8.76 -5.61
N LEU A 7 18.36 9.52 -4.62
CA LEU A 7 19.55 10.34 -4.80
C LEU A 7 20.75 9.69 -4.13
N ALA A 8 20.58 8.53 -3.50
CA ALA A 8 21.67 7.91 -2.74
C ALA A 8 22.62 7.19 -3.68
N SER A 9 23.78 6.82 -3.14
CA SER A 9 24.70 5.94 -3.85
C SER A 9 23.95 4.65 -4.19
N PRO A 10 24.12 4.16 -5.42
CA PRO A 10 23.45 2.90 -5.80
C PRO A 10 24.10 1.67 -5.23
N ALA A 11 23.42 0.55 -5.31
CA ALA A 11 23.83 -0.71 -4.79
C ALA A 11 25.14 -1.17 -5.42
N SER A 12 25.48 -0.62 -6.60
CA SER A 12 26.73 -1.00 -7.22
C SER A 12 27.94 -0.30 -6.58
N VAL A 13 27.69 0.72 -5.74
CA VAL A 13 28.73 1.50 -5.06
C VAL A 13 28.86 1.06 -3.62
N CYS A 14 27.75 0.94 -2.90
CA CYS A 14 27.80 0.49 -1.54
CA CYS A 14 27.77 0.61 -1.49
C CYS A 14 26.42 -0.03 -1.16
N ARG A 15 26.36 -0.84 -0.13
CA ARG A 15 25.07 -1.48 0.24
C ARG A 15 24.93 -1.45 1.72
N THR A 16 23.81 -0.93 2.21
CA THR A 16 23.50 -1.04 3.63
C THR A 16 23.11 -2.46 3.97
N LYS A 17 23.75 -3.04 4.98
CA LYS A 17 23.47 -4.39 5.41
C LYS A 17 22.62 -4.44 6.65
N HIS A 18 22.66 -3.40 7.47
CA HIS A 18 21.93 -3.45 8.74
C HIS A 18 21.66 -2.04 9.18
N LEU A 19 20.51 -1.81 9.80
CA LEU A 19 20.20 -0.59 10.52
C LEU A 19 19.97 -0.87 11.98
N HIS A 20 20.62 -0.13 12.87
CA HIS A 20 20.24 -0.10 14.23
C HIS A 20 19.70 1.25 14.56
N LEU A 21 18.39 1.30 14.81
CA LEU A 21 17.70 2.55 15.05
C LEU A 21 17.44 2.70 16.55
N ARG A 22 17.91 3.81 17.13
CA ARG A 22 17.55 4.10 18.53
C ARG A 22 16.89 5.44 18.52
N CYS A 23 15.59 5.51 18.88
CA CYS A 23 14.85 6.77 18.71
C CYS A 23 13.87 6.98 19.81
N SER A 24 13.47 8.23 19.89
CA SER A 24 12.45 8.62 20.85
C SER A 24 11.36 9.38 20.09
N VAL A 25 10.12 9.06 20.42
CA VAL A 25 8.96 9.66 19.78
C VAL A 25 8.43 10.78 20.64
N ASP A 26 8.62 12.02 20.19
CA ASP A 26 8.28 13.20 20.99
C ASP A 26 6.95 13.76 20.49
N PHE A 27 5.85 13.39 21.14
CA PHE A 27 4.55 13.89 20.73
C PHE A 27 4.39 15.37 20.99
N THR A 28 5.17 15.93 21.93
CA THR A 28 5.03 17.36 22.22
C THR A 28 5.57 18.18 21.06
N ARG A 29 6.55 17.66 20.32
CA ARG A 29 7.19 18.37 19.20
C ARG A 29 6.82 17.79 17.86
N ARG A 30 6.13 16.64 17.86
CA ARG A 30 5.87 15.86 16.64
C ARG A 30 7.19 15.58 15.91
N THR A 31 8.18 15.09 16.69
CA THR A 31 9.43 14.69 16.04
CA THR A 31 9.46 14.74 16.11
C THR A 31 9.87 13.34 16.58
N LEU A 32 10.51 12.60 15.68
CA LEU A 32 11.29 11.41 16.06
CA LEU A 32 11.22 11.42 16.09
C LEU A 32 12.71 11.85 16.11
N THR A 33 13.39 11.57 17.22
CA THR A 33 14.79 11.97 17.32
C THR A 33 15.62 10.74 17.67
N GLY A 34 16.85 10.71 17.20
CA GLY A 34 17.65 9.56 17.59
C GLY A 34 18.86 9.38 16.70
N THR A 35 19.26 8.13 16.65
CA THR A 35 20.40 7.74 15.86
CA THR A 35 20.41 7.73 15.86
C THR A 35 20.06 6.58 14.93
N ALA A 36 20.55 6.63 13.72
CA ALA A 36 20.48 5.53 12.77
C ALA A 36 21.92 5.11 12.54
N ALA A 37 22.21 3.89 12.97
CA ALA A 37 23.56 3.33 12.75
C ALA A 37 23.48 2.39 11.58
N LEU A 38 24.03 2.78 10.44
CA LEU A 38 23.99 1.99 9.26
C LEU A 38 25.28 1.19 9.10
N THR A 39 25.20 -0.10 8.97
CA THR A 39 26.33 -0.95 8.61
C THR A 39 26.38 -0.99 7.12
N VAL A 40 27.42 -0.41 6.50
CA VAL A 40 27.49 -0.34 5.06
CA VAL A 40 27.51 -0.24 5.07
C VAL A 40 28.67 -1.05 4.50
N GLN A 41 28.47 -1.80 3.45
CA GLN A 41 29.51 -2.58 2.78
C GLN A 41 29.93 -1.92 1.52
N SER A 42 31.21 -1.55 1.36
CA SER A 42 31.60 -0.97 0.12
C SER A 42 31.55 -2.01 -1.01
N GLN A 43 31.11 -1.61 -2.22
CA GLN A 43 31.18 -2.45 -3.40
C GLN A 43 32.36 -2.08 -4.30
N GLU A 44 33.17 -1.11 -3.88
CA GLU A 44 34.18 -0.54 -4.77
C GLU A 44 35.47 -0.45 -3.98
N ASP A 45 36.54 -0.50 -4.74
CA ASP A 45 37.85 -0.21 -4.20
C ASP A 45 37.94 1.27 -3.89
N ASN A 46 38.69 1.64 -2.85
CA ASN A 46 39.07 3.03 -2.59
C ASN A 46 37.85 3.94 -2.45
N LEU A 47 36.83 3.44 -1.74
CA LEU A 47 35.60 4.24 -1.59
C LEU A 47 35.81 5.27 -0.49
N ARG A 48 35.59 6.53 -0.85
CA ARG A 48 35.87 7.62 0.05
C ARG A 48 34.70 8.49 0.42
N SER A 49 33.52 8.24 -0.19
CA SER A 49 32.33 9.04 0.15
C SER A 49 31.13 8.23 -0.31
N LEU A 50 30.02 8.55 0.35
CA LEU A 50 28.75 7.99 -0.12
C LEU A 50 27.70 8.99 0.15
N VAL A 51 26.57 8.70 -0.52
CA VAL A 51 25.40 9.61 -0.46
C VAL A 51 24.18 8.83 0.02
N LEU A 52 23.48 9.48 0.94
CA LEU A 52 22.18 8.91 1.38
C LEU A 52 21.05 9.84 1.00
N ASP A 53 19.84 9.25 0.97
CA ASP A 53 18.61 10.07 0.79
C ASP A 53 18.18 10.63 2.14
N THR A 54 17.62 11.84 2.11
CA THR A 54 16.97 12.40 3.29
C THR A 54 15.85 13.31 2.82
N LYS A 55 14.84 13.53 3.67
CA LYS A 55 13.78 14.46 3.28
C LYS A 55 13.27 15.09 4.55
N ASP A 56 13.47 16.40 4.67
CA ASP A 56 13.03 17.18 5.82
C ASP A 56 13.63 16.64 7.11
N LEU A 57 14.88 16.18 7.05
CA LEU A 57 15.55 15.71 8.29
C LEU A 57 16.52 16.78 8.75
N THR A 58 16.64 16.92 10.05
CA THR A 58 17.69 17.78 10.62
C THR A 58 18.81 16.87 11.10
N ILE A 59 20.01 17.06 10.55
CA ILE A 59 21.13 16.24 10.93
C ILE A 59 21.95 16.97 11.96
N GLU A 60 22.21 16.28 13.06
CA GLU A 60 23.07 16.88 14.10
C GLU A 60 24.52 16.55 13.90
N LYS A 61 24.82 15.30 13.58
CA LYS A 61 26.23 14.87 13.40
C LYS A 61 26.26 13.51 12.76
N VAL A 62 27.41 13.13 12.22
CA VAL A 62 27.67 11.83 11.66
C VAL A 62 28.95 11.31 12.31
N VAL A 63 28.93 10.13 12.89
CA VAL A 63 30.07 9.60 13.63
C VAL A 63 30.50 8.28 13.02
N ILE A 64 31.80 8.17 12.79
CA ILE A 64 32.43 6.94 12.27
C ILE A 64 33.69 6.76 13.09
N ASN A 65 33.92 5.55 13.56
CA ASN A 65 35.15 5.28 14.37
C ASN A 65 35.19 6.22 15.56
N GLY A 66 34.03 6.56 16.14
CA GLY A 66 34.02 7.31 17.38
C GLY A 66 34.25 8.80 17.23
N GLN A 67 34.42 9.31 16.00
CA GLN A 67 34.63 10.72 15.74
C GLN A 67 33.64 11.26 14.74
N GLU A 68 33.39 12.56 14.85
CA GLU A 68 32.54 13.23 13.92
C GLU A 68 33.23 13.36 12.58
N VAL A 69 32.51 13.17 11.50
CA VAL A 69 32.98 13.29 10.17
C VAL A 69 32.26 14.39 9.40
N LYS A 70 32.85 14.79 8.30
CA LYS A 70 32.28 15.82 7.45
C LYS A 70 31.11 15.20 6.66
N TYR A 71 30.07 16.00 6.49
CA TYR A 71 28.96 15.65 5.61
C TYR A 71 28.41 16.95 5.00
N ALA A 72 27.62 16.82 3.95
CA ALA A 72 27.02 17.98 3.33
C ALA A 72 25.67 17.60 2.83
N LEU A 73 24.72 18.50 3.05
CA LEU A 73 23.37 18.27 2.54
C LEU A 73 23.22 19.11 1.26
N GLY A 74 22.91 18.47 0.14
CA GLY A 74 22.73 19.18 -1.12
C GLY A 74 21.39 19.87 -1.18
N GLU A 75 21.21 20.63 -2.25
CA GLU A 75 19.93 21.32 -2.48
C GLU A 75 18.72 20.37 -2.55
N ARG A 76 17.56 20.77 -2.05
CA ARG A 76 16.41 19.86 -2.15
C ARG A 76 16.02 19.71 -3.63
N GLN A 77 15.65 18.48 -4.00
CA GLN A 77 15.11 18.16 -5.31
C GLN A 77 13.65 17.71 -5.13
N SER A 78 12.80 18.70 -4.81
CA SER A 78 11.37 18.48 -4.68
CA SER A 78 11.38 18.52 -4.61
C SER A 78 11.08 17.24 -3.87
N TYR A 79 10.25 16.35 -4.43
CA TYR A 79 9.73 15.24 -3.66
C TYR A 79 10.80 14.20 -3.37
N LYS A 80 11.99 14.30 -4.00
CA LYS A 80 13.07 13.34 -3.71
C LYS A 80 13.78 13.70 -2.42
N GLY A 81 13.62 14.92 -1.92
CA GLY A 81 14.36 15.36 -0.74
C GLY A 81 15.74 15.85 -1.13
N SER A 82 16.67 15.77 -0.17
CA SER A 82 18.01 16.35 -0.29
C SER A 82 19.04 15.25 -0.12
N PRO A 83 20.02 15.20 -1.02
CA PRO A 83 21.09 14.20 -0.90
C PRO A 83 22.06 14.58 0.23
N MET A 84 22.48 13.58 0.99
CA MET A 84 23.41 13.74 2.09
CA MET A 84 23.47 13.83 2.04
C MET A 84 24.74 13.06 1.75
N GLU A 85 25.78 13.85 1.47
CA GLU A 85 27.09 13.25 1.15
C GLU A 85 27.93 13.15 2.39
N ILE A 86 28.41 11.95 2.69
CA ILE A 86 29.24 11.73 3.84
C ILE A 86 30.68 11.43 3.38
N SER A 87 31.64 12.17 3.95
CA SER A 87 33.07 11.97 3.58
C SER A 87 33.62 10.91 4.54
N LEU A 88 34.03 9.76 4.01
CA LEU A 88 34.52 8.71 4.90
C LEU A 88 35.94 9.04 5.38
N PRO A 89 36.23 8.77 6.65
CA PRO A 89 37.58 9.15 7.18
C PRO A 89 38.70 8.29 6.66
N ILE A 90 38.42 7.06 6.27
CA ILE A 90 39.42 6.10 5.80
C ILE A 90 38.86 5.46 4.55
N ALA A 91 39.54 5.51 3.42
CA ALA A 91 39.10 4.84 2.21
C ALA A 91 38.84 3.38 2.44
N LEU A 92 37.69 2.86 1.90
CA LEU A 92 37.34 1.48 2.11
C LEU A 92 37.70 0.59 0.95
N SER A 93 38.13 -0.65 1.20
CA SER A 93 38.32 -1.62 0.13
CA SER A 93 38.31 -1.63 0.15
C SER A 93 36.96 -2.30 -0.20
N LYS A 94 36.95 -2.98 -1.33
CA LYS A 94 35.71 -3.65 -1.72
C LYS A 94 35.40 -4.73 -0.71
N ASN A 95 34.10 -4.77 -0.35
CA ASN A 95 33.56 -5.68 0.66
C ASN A 95 33.86 -5.32 2.10
N GLN A 96 34.61 -4.22 2.32
CA GLN A 96 34.79 -3.79 3.70
C GLN A 96 33.48 -3.22 4.28
N GLU A 97 33.22 -3.45 5.55
CA GLU A 97 32.00 -2.95 6.21
C GLU A 97 32.34 -2.01 7.31
N ILE A 98 31.66 -0.89 7.43
CA ILE A 98 31.84 0.02 8.52
C ILE A 98 30.45 0.38 9.07
N VAL A 99 30.40 1.02 10.20
CA VAL A 99 29.17 1.51 10.79
C VAL A 99 29.19 2.99 10.83
N ILE A 100 28.17 3.65 10.30
CA ILE A 100 28.03 5.09 10.23
C ILE A 100 26.88 5.47 11.14
N GLU A 101 27.07 6.23 12.17
CA GLU A 101 25.99 6.55 13.14
C GLU A 101 25.59 7.98 12.94
N ILE A 102 24.35 8.18 12.44
CA ILE A 102 23.82 9.50 12.13
C ILE A 102 22.82 9.94 13.16
N SER A 103 23.06 11.07 13.79
CA SER A 103 22.13 11.63 14.78
C SER A 103 21.24 12.61 14.02
N PHE A 104 19.91 12.41 14.15
CA PHE A 104 18.96 13.16 13.30
C PHE A 104 17.67 13.40 14.08
N GLU A 105 16.83 14.26 13.49
CA GLU A 105 15.46 14.37 13.93
C GLU A 105 14.61 14.66 12.72
N THR A 106 13.37 14.15 12.79
CA THR A 106 12.38 14.38 11.70
C THR A 106 11.72 15.72 11.84
N SER A 107 11.04 16.13 10.76
CA SER A 107 10.21 17.34 10.79
C SER A 107 8.74 16.94 11.13
N PRO A 108 7.99 17.77 11.84
CA PRO A 108 6.53 17.48 11.98
C PRO A 108 5.83 17.25 10.64
N LYS A 109 6.36 17.81 9.53
CA LYS A 109 5.71 17.65 8.25
C LYS A 109 6.13 16.38 7.52
N SER A 110 6.98 15.53 8.14
CA SER A 110 7.48 14.32 7.48
C SER A 110 6.37 13.64 6.66
N SER A 111 6.63 13.43 5.38
CA SER A 111 5.61 12.80 4.55
C SER A 111 5.43 11.33 4.82
N ALA A 112 6.33 10.71 5.61
CA ALA A 112 6.16 9.34 6.03
C ALA A 112 5.19 9.18 7.20
N LEU A 113 4.92 10.24 7.93
CA LEU A 113 4.28 10.11 9.25
C LEU A 113 2.95 10.83 9.28
N GLN A 114 2.03 10.30 10.09
CA GLN A 114 0.88 11.09 10.55
C GLN A 114 0.86 11.06 12.07
N TRP A 115 0.87 12.28 12.62
CA TRP A 115 0.73 12.51 14.04
C TRP A 115 -0.74 12.86 14.32
N LEU A 116 -1.40 12.06 15.12
CA LEU A 116 -2.82 12.29 15.45
CA LEU A 116 -2.83 12.18 15.49
C LEU A 116 -2.93 12.75 16.89
N THR A 117 -3.78 13.76 17.08
CA THR A 117 -4.10 14.20 18.42
C THR A 117 -5.06 13.22 19.08
N PRO A 118 -5.22 13.32 20.42
CA PRO A 118 -6.17 12.41 21.10
C PRO A 118 -7.56 12.43 20.49
N GLU A 119 -8.04 13.61 20.07
CA GLU A 119 -9.39 13.73 19.50
C GLU A 119 -9.52 12.94 18.18
N GLN A 120 -8.40 12.71 17.47
CA GLN A 120 -8.39 11.96 16.22
C GLN A 120 -8.37 10.46 16.42
N THR A 121 -8.34 9.99 17.67
CA THR A 121 -8.27 8.55 17.94
C THR A 121 -9.61 8.03 18.46
N SER A 122 -9.75 6.73 18.61
CA SER A 122 -10.95 6.15 19.18
C SER A 122 -11.10 6.47 20.65
N GLY A 123 -10.02 6.41 21.42
CA GLY A 123 -10.14 6.50 22.86
C GLY A 123 -10.19 7.89 23.40
N LYS A 124 -9.68 8.85 22.64
CA LYS A 124 -9.83 10.29 22.95
C LYS A 124 -8.88 10.78 24.06
N GLU A 125 -8.01 9.90 24.57
CA GLU A 125 -7.17 10.22 25.71
C GLU A 125 -5.69 10.35 25.33
N HIS A 126 -5.26 9.62 24.33
CA HIS A 126 -3.87 9.57 23.99
C HIS A 126 -3.69 9.88 22.52
N PRO A 127 -2.49 10.43 22.17
CA PRO A 127 -2.17 10.66 20.75
C PRO A 127 -1.72 9.37 20.07
N TYR A 128 -1.40 9.46 18.80
CA TYR A 128 -1.08 8.27 18.03
C TYR A 128 -0.20 8.68 16.88
N LEU A 129 0.72 7.78 16.51
CA LEU A 129 1.59 8.00 15.37
C LEU A 129 1.63 6.78 14.50
N PHE A 130 1.61 6.93 13.18
CA PHE A 130 1.92 5.81 12.31
C PHE A 130 2.72 6.27 11.10
N SER A 131 3.51 5.32 10.58
CA SER A 131 4.30 5.56 9.39
C SER A 131 3.74 4.87 8.17
N GLN A 132 4.22 5.34 7.03
CA GLN A 132 3.92 4.70 5.73
C GLN A 132 5.05 5.08 4.76
N CYS A 133 6.00 4.18 4.68
CA CYS A 133 7.23 4.52 3.94
C CYS A 133 7.07 4.28 2.43
N GLN A 134 6.30 3.27 2.01
CA GLN A 134 6.23 2.99 0.58
C GLN A 134 5.56 4.13 -0.18
N ALA A 135 6.07 4.61 -1.30
CA ALA A 135 7.30 4.15 -2.01
C ALA A 135 8.60 4.76 -1.44
N ILE A 136 8.70 6.07 -1.37
CA ILE A 136 10.02 6.74 -1.13
C ILE A 136 9.87 7.72 0.02
N HIS A 137 9.20 7.30 1.10
CA HIS A 137 9.11 8.12 2.30
C HIS A 137 10.01 7.66 3.46
N CYS A 138 10.67 6.51 3.35
CA CYS A 138 11.59 6.16 4.46
C CYS A 138 12.65 7.29 4.68
N ARG A 139 13.06 7.95 3.62
CA ARG A 139 14.03 9.04 3.73
C ARG A 139 13.49 10.19 4.56
N ALA A 140 12.13 10.28 4.75
CA ALA A 140 11.56 11.30 5.60
C ALA A 140 11.45 10.89 7.05
N ILE A 141 11.95 9.67 7.37
CA ILE A 141 12.13 9.27 8.75
C ILE A 141 13.59 9.14 9.14
N LEU A 142 14.42 8.63 8.24
CA LEU A 142 15.82 8.42 8.66
C LEU A 142 16.64 8.49 7.40
N PRO A 143 17.96 8.79 7.52
CA PRO A 143 18.82 8.84 6.33
C PRO A 143 19.06 7.42 5.85
N CYS A 144 19.03 7.17 4.55
CA CYS A 144 19.08 5.81 4.10
C CYS A 144 19.30 5.77 2.59
N GLN A 145 19.67 4.61 2.09
CA GLN A 145 19.65 4.38 0.65
C GLN A 145 18.19 4.01 0.33
N ASP A 146 17.39 4.98 -0.07
CA ASP A 146 15.95 4.76 -0.07
C ASP A 146 15.54 4.26 -1.45
N THR A 147 15.90 2.99 -1.67
CA THR A 147 15.73 2.31 -2.92
C THR A 147 15.47 0.84 -2.61
N PRO A 148 14.54 0.19 -3.33
CA PRO A 148 14.24 -1.21 -3.01
C PRO A 148 15.27 -2.17 -3.60
N SER A 149 16.30 -1.60 -4.26
CA SER A 149 17.41 -2.44 -4.77
C SER A 149 18.38 -2.86 -3.65
N VAL A 150 18.22 -2.33 -2.43
CA VAL A 150 19.10 -2.64 -1.30
C VAL A 150 18.26 -3.29 -0.22
N LYS A 151 18.69 -4.40 0.33
CA LYS A 151 17.94 -5.03 1.45
C LYS A 151 18.82 -5.16 2.69
N LEU A 152 18.25 -4.89 3.85
CA LEU A 152 19.00 -4.84 5.10
C LEU A 152 18.20 -5.47 6.20
N THR A 153 18.87 -5.99 7.21
CA THR A 153 18.21 -6.34 8.46
C THR A 153 18.14 -5.11 9.35
N TYR A 154 17.31 -5.18 10.41
CA TYR A 154 17.30 -4.09 11.34
C TYR A 154 17.00 -4.49 12.75
N THR A 155 17.49 -3.65 13.66
CA THR A 155 17.13 -3.72 15.07
C THR A 155 16.72 -2.35 15.51
N ALA A 156 15.84 -2.20 16.51
CA ALA A 156 15.44 -0.90 16.91
C ALA A 156 15.11 -0.86 18.37
N GLU A 157 15.30 0.31 18.96
CA GLU A 157 14.87 0.57 20.32
CA GLU A 157 14.99 0.61 20.35
C GLU A 157 14.18 1.91 20.28
N VAL A 158 12.90 1.90 20.72
CA VAL A 158 12.02 3.05 20.56
C VAL A 158 11.53 3.47 21.94
N SER A 159 11.78 4.71 22.36
CA SER A 159 11.29 5.25 23.59
C SER A 159 9.97 6.01 23.30
N VAL A 160 8.95 5.69 24.12
CA VAL A 160 7.62 6.30 23.92
C VAL A 160 7.06 6.61 25.30
N PRO A 161 6.05 7.50 25.38
CA PRO A 161 5.37 7.69 26.67
C PRO A 161 4.87 6.34 27.20
N LYS A 162 5.01 6.16 28.51
CA LYS A 162 4.83 4.82 29.07
C LYS A 162 3.40 4.28 28.96
N GLU A 163 2.38 5.15 28.76
CA GLU A 163 1.03 4.69 28.58
C GLU A 163 0.77 4.10 27.18
N LEU A 164 1.74 4.23 26.27
CA LEU A 164 1.57 3.84 24.87
C LEU A 164 2.38 2.62 24.52
N VAL A 165 2.08 2.01 23.39
CA VAL A 165 2.71 0.84 22.86
C VAL A 165 3.32 1.17 21.52
N ALA A 166 4.58 0.79 21.29
CA ALA A 166 5.19 0.85 19.98
C ALA A 166 5.18 -0.50 19.34
N LEU A 167 4.91 -0.55 18.02
CA LEU A 167 5.11 -1.76 17.24
C LEU A 167 5.83 -1.43 15.96
N MET A 168 6.60 -2.38 15.42
CA MET A 168 7.30 -2.20 14.16
C MET A 168 7.13 -3.39 13.25
N SER A 169 7.66 -3.27 12.04
CA SER A 169 7.70 -4.36 11.09
C SER A 169 8.80 -5.39 11.42
N ALA A 170 8.63 -6.04 12.56
CA ALA A 170 9.76 -6.77 13.16
C ALA A 170 9.19 -7.55 14.29
N ILE A 171 9.96 -8.49 14.83
CA ILE A 171 9.60 -9.27 15.99
C ILE A 171 9.86 -8.46 17.26
N ARG A 172 8.90 -8.46 18.19
CA ARG A 172 9.08 -7.76 19.44
C ARG A 172 10.17 -8.44 20.26
N ASP A 173 11.02 -7.61 20.87
CA ASP A 173 12.17 -8.09 21.60
C ASP A 173 12.20 -7.46 22.99
N GLY A 174 11.04 -7.27 23.58
CA GLY A 174 10.97 -6.85 24.97
C GLY A 174 10.67 -5.36 25.18
N GLU A 175 10.32 -5.03 26.42
CA GLU A 175 10.04 -3.64 26.81
C GLU A 175 10.56 -3.44 28.21
N THR A 176 10.97 -2.21 28.49
CA THR A 176 11.43 -1.85 29.82
C THR A 176 11.14 -0.39 30.08
N PRO A 177 11.11 0.03 31.36
CA PRO A 177 11.08 1.47 31.60
C PRO A 177 12.35 2.12 31.03
N ASP A 178 12.21 3.36 30.57
CA ASP A 178 13.32 4.09 30.02
C ASP A 178 14.18 4.65 31.18
N PRO A 179 15.46 4.22 31.36
CA PRO A 179 16.24 4.72 32.48
C PRO A 179 16.52 6.21 32.38
N GLU A 180 16.47 6.77 31.17
CA GLU A 180 16.70 8.19 30.90
CA GLU A 180 16.75 8.19 31.06
C GLU A 180 15.50 9.05 31.26
N ASP A 181 14.32 8.42 31.36
CA ASP A 181 13.09 9.19 31.57
C ASP A 181 12.00 8.20 32.01
N PRO A 182 11.77 8.07 33.31
CA PRO A 182 10.78 7.12 33.83
C PRO A 182 9.33 7.40 33.39
N SER A 183 9.04 8.52 32.72
CA SER A 183 7.71 8.73 32.13
C SER A 183 7.60 7.94 30.84
N ARG A 184 8.63 7.20 30.43
CA ARG A 184 8.71 6.51 29.14
C ARG A 184 9.02 5.04 29.28
N LYS A 185 8.72 4.30 28.22
CA LYS A 185 9.09 2.92 28.04
C LYS A 185 9.96 2.82 26.79
N ILE A 186 10.88 1.85 26.78
CA ILE A 186 11.61 1.48 25.59
C ILE A 186 11.09 0.13 25.12
N TYR A 187 10.70 0.11 23.84
CA TYR A 187 10.31 -1.14 23.18
C TYR A 187 11.40 -1.52 22.19
N LYS A 188 11.77 -2.78 22.15
CA LYS A 188 12.79 -3.27 21.28
C LYS A 188 12.27 -4.19 20.18
N PHE A 189 12.94 -4.25 19.04
CA PHE A 189 12.46 -4.99 17.89
C PHE A 189 13.64 -5.57 17.14
N ILE A 190 13.42 -6.70 16.48
CA ILE A 190 14.46 -7.24 15.59
CA ILE A 190 14.47 -7.37 15.66
C ILE A 190 13.80 -7.83 14.34
N GLN A 191 14.35 -7.44 13.20
CA GLN A 191 13.98 -7.96 11.91
C GLN A 191 15.21 -8.66 11.32
N LYS A 192 15.22 -9.99 11.41
CA LYS A 192 16.41 -10.76 11.00
CA LYS A 192 16.34 -10.85 11.01
C LYS A 192 16.38 -11.15 9.51
N VAL A 193 15.28 -10.86 8.80
CA VAL A 193 15.25 -11.16 7.38
C VAL A 193 15.52 -9.89 6.63
N PRO A 194 16.43 -9.90 5.63
CA PRO A 194 16.74 -8.62 4.94
C PRO A 194 15.54 -8.07 4.15
N ILE A 195 15.31 -6.78 4.30
CA ILE A 195 14.15 -6.17 3.63
C ILE A 195 14.55 -4.91 3.02
N PRO A 196 13.86 -4.49 1.97
CA PRO A 196 14.01 -3.13 1.47
C PRO A 196 13.52 -2.10 2.48
N CYS A 197 14.05 -0.88 2.49
CA CYS A 197 13.68 0.05 3.55
CA CYS A 197 13.71 0.20 3.44
C CYS A 197 12.24 0.57 3.49
N TYR A 198 11.58 0.44 2.34
CA TYR A 198 10.15 0.85 2.30
C TYR A 198 9.31 -0.01 3.23
N LEU A 199 9.80 -1.16 3.72
CA LEU A 199 9.11 -2.03 4.64
C LEU A 199 9.40 -1.74 6.10
N ILE A 200 10.20 -0.71 6.41
CA ILE A 200 10.34 -0.28 7.79
C ILE A 200 9.04 0.42 8.22
N ALA A 201 8.52 0.09 9.36
CA ALA A 201 7.26 0.70 9.79
C ALA A 201 7.23 0.82 11.29
N LEU A 202 6.51 1.84 11.76
CA LEU A 202 6.38 2.14 13.15
C LEU A 202 4.95 2.63 13.45
N VAL A 203 4.39 2.15 14.55
CA VAL A 203 3.16 2.74 15.07
C VAL A 203 3.33 2.93 16.57
N VAL A 204 2.84 4.01 17.13
CA VAL A 204 2.81 4.19 18.56
C VAL A 204 1.40 4.68 18.95
N GLY A 205 0.81 4.03 19.94
CA GLY A 205 -0.52 4.49 20.37
C GLY A 205 -1.01 3.56 21.44
N ALA A 206 -2.28 3.79 21.82
CA ALA A 206 -2.92 3.04 22.93
C ALA A 206 -3.44 1.73 22.37
N LEU A 207 -2.58 0.77 22.15
CA LEU A 207 -2.91 -0.43 21.43
C LEU A 207 -3.11 -1.64 22.30
N GLU A 208 -4.07 -2.45 21.92
CA GLU A 208 -4.46 -3.69 22.57
CA GLU A 208 -4.37 -3.71 22.57
C GLU A 208 -4.38 -4.81 21.56
N SER A 209 -4.25 -6.06 21.99
CA SER A 209 -4.15 -7.17 21.04
C SER A 209 -5.10 -8.29 21.44
N ARG A 210 -5.42 -9.08 20.41
CA ARG A 210 -6.17 -10.31 20.64
C ARG A 210 -5.67 -11.39 19.71
N GLN A 211 -5.46 -12.59 20.24
CA GLN A 211 -5.03 -13.66 19.38
C GLN A 211 -6.16 -14.15 18.49
N ILE A 212 -5.90 -14.39 17.25
CA ILE A 212 -6.93 -14.91 16.29
C ILE A 212 -6.48 -16.12 15.54
N GLY A 213 -5.22 -16.57 15.74
CA GLY A 213 -4.71 -17.76 15.05
C GLY A 213 -3.40 -18.14 15.71
N PRO A 214 -2.82 -19.23 15.25
CA PRO A 214 -1.61 -19.74 15.92
C PRO A 214 -0.41 -18.85 15.69
N ARG A 215 -0.43 -17.99 14.69
CA ARG A 215 0.69 -17.10 14.45
C ARG A 215 0.24 -15.65 14.24
N THR A 216 -0.95 -15.30 14.77
CA THR A 216 -1.56 -14.01 14.49
C THR A 216 -2.22 -13.39 15.69
N LEU A 217 -1.82 -12.18 16.02
CA LEU A 217 -2.55 -11.26 16.88
CA LEU A 217 -2.53 -11.25 16.86
C LEU A 217 -3.07 -10.14 16.00
N VAL A 218 -4.27 -9.66 16.35
CA VAL A 218 -4.75 -8.41 15.80
CA VAL A 218 -4.77 -8.40 15.81
C VAL A 218 -4.57 -7.31 16.84
N TRP A 219 -4.13 -6.14 16.40
CA TRP A 219 -3.88 -5.00 17.26
C TRP A 219 -4.77 -3.86 16.79
N SER A 220 -5.28 -3.14 17.77
CA SER A 220 -6.10 -1.94 17.44
CA SER A 220 -6.01 -1.90 17.44
C SER A 220 -6.24 -1.18 18.75
N GLU A 221 -6.91 -0.03 18.73
CA GLU A 221 -7.39 0.51 19.97
C GLU A 221 -8.52 -0.39 20.52
N LYS A 222 -8.72 -0.31 21.83
CA LYS A 222 -9.65 -1.20 22.53
CA LYS A 222 -9.63 -1.25 22.48
C LYS A 222 -11.00 -1.26 21.84
N GLU A 223 -11.46 -0.10 21.36
CA GLU A 223 -12.82 0.01 20.82
C GLU A 223 -12.99 -0.85 19.59
N GLN A 224 -11.92 -1.20 18.87
CA GLN A 224 -12.00 -1.94 17.64
C GLN A 224 -11.60 -3.39 17.74
N VAL A 225 -11.11 -3.83 18.92
CA VAL A 225 -10.49 -5.18 18.97
C VAL A 225 -11.50 -6.29 18.62
N GLU A 226 -12.70 -6.28 19.26
CA GLU A 226 -13.60 -7.37 19.05
C GLU A 226 -14.07 -7.44 17.58
N LYS A 227 -14.43 -6.30 16.99
CA LYS A 227 -14.87 -6.31 15.61
C LYS A 227 -13.80 -6.78 14.67
N SER A 228 -12.55 -6.36 14.97
CA SER A 228 -11.42 -6.70 14.11
C SER A 228 -11.10 -8.21 14.19
N ALA A 229 -11.18 -8.75 15.40
CA ALA A 229 -10.88 -10.17 15.57
C ALA A 229 -11.82 -11.02 14.74
N TYR A 230 -13.15 -10.61 14.69
CA TYR A 230 -14.12 -11.34 13.86
C TYR A 230 -13.86 -11.09 12.38
N GLU A 231 -13.63 -9.82 12.04
CA GLU A 231 -13.57 -9.47 10.63
C GLU A 231 -12.46 -10.22 9.90
N PHE A 232 -11.34 -10.48 10.64
CA PHE A 232 -10.09 -11.02 10.02
C PHE A 232 -9.88 -12.42 10.48
N SER A 233 -10.93 -13.11 10.92
CA SER A 233 -10.77 -14.47 11.38
C SER A 233 -10.34 -15.49 10.33
N GLU A 234 -10.45 -15.17 9.05
CA GLU A 234 -10.00 -16.09 8.01
C GLU A 234 -8.46 -16.04 7.82
N THR A 235 -7.78 -15.16 8.56
CA THR A 235 -6.32 -14.95 8.28
C THR A 235 -5.53 -16.26 8.30
N GLU A 236 -5.69 -17.08 9.34
CA GLU A 236 -4.88 -18.28 9.36
C GLU A 236 -5.17 -19.18 8.17
N SER A 237 -6.45 -19.35 7.81
CA SER A 237 -6.73 -20.19 6.64
CA SER A 237 -6.76 -20.18 6.65
C SER A 237 -6.09 -19.63 5.39
N MET A 238 -6.07 -18.30 5.27
CA MET A 238 -5.42 -17.68 4.12
C MET A 238 -3.91 -17.89 4.13
N LEU A 239 -3.28 -17.79 5.31
CA LEU A 239 -1.82 -18.06 5.41
C LEU A 239 -1.51 -19.47 5.01
N LYS A 240 -2.35 -20.42 5.40
CA LYS A 240 -2.07 -21.81 5.05
C LYS A 240 -2.11 -22.01 3.53
N ILE A 241 -3.10 -21.41 2.88
CA ILE A 241 -3.18 -21.55 1.43
C ILE A 241 -2.00 -20.83 0.78
N ALA A 242 -1.68 -19.63 1.30
CA ALA A 242 -0.57 -18.88 0.71
C ALA A 242 0.75 -19.63 0.81
N GLU A 243 1.00 -20.29 1.94
CA GLU A 243 2.22 -21.07 2.18
CA GLU A 243 2.26 -20.98 2.07
C GLU A 243 2.23 -22.27 1.23
N ASP A 244 1.05 -22.87 0.99
CA ASP A 244 1.00 -23.94 -0.01
C ASP A 244 1.41 -23.45 -1.41
N LEU A 245 0.96 -22.26 -1.81
CA LEU A 245 1.26 -21.71 -3.14
C LEU A 245 2.68 -21.09 -3.23
N GLY A 246 3.15 -20.50 -2.15
CA GLY A 246 4.38 -19.73 -2.22
C GLY A 246 5.62 -20.37 -1.64
N GLY A 247 5.48 -21.42 -0.82
CA GLY A 247 6.62 -21.96 -0.06
C GLY A 247 6.57 -21.41 1.35
N PRO A 248 7.65 -21.72 2.10
CA PRO A 248 7.57 -21.42 3.53
C PRO A 248 7.33 -19.93 3.82
N TYR A 249 6.56 -19.69 4.89
CA TYR A 249 6.41 -18.34 5.48
C TYR A 249 7.62 -18.10 6.39
N VAL A 250 8.43 -17.09 6.06
CA VAL A 250 9.78 -16.96 6.71
C VAL A 250 9.78 -15.90 7.79
N TRP A 251 8.63 -15.26 8.07
CA TRP A 251 8.65 -14.02 8.83
C TRP A 251 8.27 -14.24 10.31
N GLY A 252 8.05 -15.48 10.70
CA GLY A 252 7.79 -15.73 12.13
C GLY A 252 6.33 -15.61 12.55
N GLN A 253 5.84 -14.41 12.59
CA GLN A 253 4.45 -14.14 12.95
C GLN A 253 3.84 -13.43 11.78
N TYR A 254 2.50 -13.45 11.72
CA TYR A 254 1.76 -12.59 10.82
C TYR A 254 0.74 -11.86 11.63
N ASP A 255 1.05 -10.70 12.15
CA ASP A 255 0.11 -9.90 12.90
C ASP A 255 -0.55 -8.84 12.01
N LEU A 256 -1.71 -8.37 12.51
CA LEU A 256 -2.46 -7.33 11.81
C LEU A 256 -2.62 -6.16 12.73
N LEU A 257 -2.52 -4.96 12.19
CA LEU A 257 -2.79 -3.73 12.91
C LEU A 257 -3.88 -2.97 12.16
N VAL A 258 -4.94 -2.65 12.90
CA VAL A 258 -6.05 -1.86 12.33
C VAL A 258 -5.84 -0.44 12.70
N LEU A 259 -5.47 0.39 11.74
CA LEU A 259 -5.10 1.76 11.99
CA LEU A 259 -5.11 1.78 11.98
C LEU A 259 -6.33 2.67 12.20
N PRO A 260 -6.12 3.92 12.59
CA PRO A 260 -7.19 4.89 12.60
C PRO A 260 -7.63 5.17 11.17
N PRO A 261 -8.80 5.85 11.03
CA PRO A 261 -9.42 5.94 9.74
C PRO A 261 -8.70 6.75 8.69
N SER A 262 -7.72 7.60 9.11
CA SER A 262 -6.95 8.35 8.14
C SER A 262 -5.82 7.55 7.48
N PHE A 263 -5.68 6.27 7.77
CA PHE A 263 -4.67 5.53 7.03
C PHE A 263 -4.94 5.60 5.55
N PRO A 264 -3.99 5.96 4.73
CA PRO A 264 -4.33 6.32 3.32
C PRO A 264 -4.55 5.17 2.38
N TYR A 265 -4.35 3.92 2.80
CA TYR A 265 -4.42 2.77 1.90
C TYR A 265 -5.29 1.68 2.51
N GLY A 266 -5.64 0.69 1.72
CA GLY A 266 -6.39 -0.45 2.20
C GLY A 266 -5.55 -1.30 3.15
N GLY A 267 -4.30 -1.48 2.74
CA GLY A 267 -3.36 -2.28 3.53
C GLY A 267 -1.96 -1.89 3.14
N MET A 268 -1.04 -2.33 4.02
CA MET A 268 0.42 -2.22 3.72
C MET A 268 1.08 -3.45 4.33
N GLU A 269 1.83 -4.14 3.49
CA GLU A 269 2.39 -5.44 3.82
C GLU A 269 3.70 -5.34 4.70
N ASN A 270 3.68 -4.51 5.71
CA ASN A 270 4.89 -4.40 6.54
C ASN A 270 5.16 -5.77 7.11
N PRO A 271 6.44 -6.27 7.03
CA PRO A 271 6.69 -7.64 7.46
C PRO A 271 6.44 -7.80 8.95
N CYS A 272 5.81 -8.94 9.30
CA CYS A 272 5.40 -9.27 10.64
C CYS A 272 4.16 -8.55 11.15
N LEU A 273 3.81 -7.44 10.53
CA LEU A 273 2.70 -6.59 11.05
C LEU A 273 2.11 -5.85 9.86
N THR A 274 1.16 -6.52 9.19
CA THR A 274 0.39 -5.83 8.13
C THR A 274 -0.44 -4.75 8.75
N PHE A 275 -0.49 -3.59 8.10
CA PHE A 275 -1.35 -2.46 8.51
C PHE A 275 -2.57 -2.46 7.60
N VAL A 276 -3.77 -2.27 8.21
CA VAL A 276 -5.03 -2.18 7.41
C VAL A 276 -5.84 -1.00 7.86
N THR A 277 -6.66 -0.58 6.84
CA THR A 277 -7.69 0.44 7.09
C THR A 277 -8.89 -0.14 7.90
N PRO A 278 -9.42 0.67 8.78
CA PRO A 278 -10.64 0.22 9.49
C PRO A 278 -11.88 0.28 8.55
N THR A 279 -11.74 0.78 7.34
CA THR A 279 -12.89 0.68 6.38
C THR A 279 -13.03 -0.74 5.93
N LEU A 280 -12.18 -1.70 6.35
CA LEU A 280 -12.43 -3.08 6.06
C LEU A 280 -13.49 -3.68 7.01
N LEU A 281 -13.83 -2.98 8.09
CA LEU A 281 -14.67 -3.56 9.15
C LEU A 281 -16.18 -3.54 8.76
N ALA A 282 -16.49 -4.33 7.75
CA ALA A 282 -17.89 -4.36 7.18
C ALA A 282 -18.81 -5.16 8.08
N GLY A 283 -18.33 -6.02 8.96
CA GLY A 283 -19.14 -6.86 9.85
C GLY A 283 -19.35 -8.25 9.35
N ASP A 284 -18.94 -8.58 8.14
CA ASP A 284 -19.26 -9.88 7.54
C ASP A 284 -18.09 -10.49 6.81
N LYS A 285 -16.86 -9.94 7.01
CA LYS A 285 -15.63 -10.50 6.43
C LYS A 285 -15.55 -10.31 4.91
N SER A 286 -16.48 -9.53 4.34
CA SER A 286 -16.57 -9.48 2.89
C SER A 286 -15.44 -8.75 2.21
N LEU A 287 -14.70 -7.93 2.94
CA LEU A 287 -13.56 -7.20 2.35
C LEU A 287 -12.22 -7.87 2.68
N SER A 288 -12.24 -9.16 2.99
CA SER A 288 -11.00 -9.84 3.41
C SER A 288 -10.08 -10.11 2.26
N ASN A 289 -10.45 -9.87 1.02
CA ASN A 289 -9.46 -10.03 -0.06
C ASN A 289 -8.28 -9.08 0.20
N VAL A 290 -8.45 -7.98 0.89
CA VAL A 290 -7.28 -7.10 1.21
C VAL A 290 -6.34 -7.84 2.10
N ILE A 291 -6.79 -8.60 3.03
CA ILE A 291 -5.87 -9.40 3.86
C ILE A 291 -5.24 -10.45 3.03
N ALA A 292 -5.92 -11.14 2.14
CA ALA A 292 -5.30 -12.09 1.28
C ALA A 292 -4.18 -11.44 0.44
N HIS A 293 -4.41 -10.23 -0.02
CA HIS A 293 -3.43 -9.51 -0.78
C HIS A 293 -2.20 -9.22 0.11
N GLU A 294 -2.38 -8.63 1.27
CA GLU A 294 -1.18 -8.35 2.13
C GLU A 294 -0.52 -9.61 2.54
N ILE A 295 -1.19 -10.68 2.83
CA ILE A 295 -0.52 -11.96 3.13
C ILE A 295 0.33 -12.37 1.97
N SER A 296 -0.16 -12.26 0.74
CA SER A 296 0.54 -12.75 -0.43
C SER A 296 1.87 -11.97 -0.63
N HIS A 297 1.91 -10.71 -0.23
CA HIS A 297 3.17 -9.94 -0.33
C HIS A 297 4.30 -10.56 0.52
N SER A 298 3.99 -11.41 1.47
CA SER A 298 5.04 -12.08 2.27
C SER A 298 5.92 -12.94 1.36
N TRP A 299 5.52 -13.19 0.12
CA TRP A 299 6.28 -13.84 -0.90
C TRP A 299 6.62 -12.85 -2.00
N THR A 300 5.58 -12.39 -2.69
CA THR A 300 5.75 -11.51 -3.88
C THR A 300 5.78 -10.06 -3.43
N GLY A 301 6.95 -9.47 -3.29
CA GLY A 301 7.12 -8.11 -2.81
C GLY A 301 8.14 -8.13 -1.67
N ASN A 302 7.87 -8.90 -0.62
CA ASN A 302 8.73 -8.83 0.53
C ASN A 302 9.90 -9.80 0.45
N LEU A 303 9.75 -10.92 -0.23
CA LEU A 303 10.85 -11.86 -0.49
C LEU A 303 11.45 -11.59 -1.84
N VAL A 304 10.65 -11.60 -2.91
CA VAL A 304 11.15 -11.15 -4.22
CA VAL A 304 11.06 -11.19 -4.26
C VAL A 304 10.63 -9.74 -4.40
N THR A 305 11.54 -8.79 -4.62
CA THR A 305 11.22 -7.37 -4.57
C THR A 305 11.50 -6.67 -5.87
N ASN A 306 10.71 -5.71 -6.29
CA ASN A 306 11.06 -4.86 -7.45
C ASN A 306 12.40 -4.12 -7.20
N LYS A 307 13.25 -4.13 -8.23
CA LYS A 307 14.59 -3.49 -8.07
C LYS A 307 14.49 -1.99 -8.05
N THR A 308 13.57 -1.44 -8.87
CA THR A 308 13.25 -0.01 -8.79
C THR A 308 11.70 0.08 -8.91
N TRP A 309 11.19 1.27 -8.62
CA TRP A 309 9.71 1.43 -8.68
C TRP A 309 9.22 1.41 -10.09
N ASP A 310 10.06 1.54 -11.12
CA ASP A 310 9.55 1.35 -12.49
C ASP A 310 8.98 -0.04 -12.68
N HIS A 311 9.42 -1.00 -11.86
CA HIS A 311 9.03 -2.41 -11.97
C HIS A 311 8.03 -2.85 -10.89
N PHE A 312 7.32 -1.86 -10.33
CA PHE A 312 6.32 -2.07 -9.30
C PHE A 312 5.32 -3.16 -9.69
N TRP A 313 4.98 -3.24 -10.97
CA TRP A 313 3.99 -4.25 -11.35
C TRP A 313 4.44 -5.64 -10.98
N LEU A 314 5.75 -5.92 -10.89
CA LEU A 314 6.13 -7.27 -10.49
C LEU A 314 5.60 -7.55 -9.06
N ASN A 315 5.69 -6.59 -8.17
CA ASN A 315 5.16 -6.74 -6.82
C ASN A 315 3.65 -6.94 -6.88
N GLU A 316 2.99 -6.07 -7.62
CA GLU A 316 1.51 -6.08 -7.49
C GLU A 316 0.84 -7.10 -8.38
N GLY A 317 1.27 -7.26 -9.63
CA GLY A 317 0.56 -8.20 -10.50
C GLY A 317 0.63 -9.61 -9.92
N HIS A 318 1.82 -10.00 -9.42
CA HIS A 318 1.93 -11.33 -8.83
C HIS A 318 1.19 -11.47 -7.52
N THR A 319 1.12 -10.40 -6.73
CA THR A 319 0.39 -10.47 -5.46
C THR A 319 -1.15 -10.55 -5.74
N VAL A 320 -1.64 -9.77 -6.70
CA VAL A 320 -3.07 -9.86 -7.05
C VAL A 320 -3.34 -11.28 -7.57
N TYR A 321 -2.44 -11.84 -8.37
CA TYR A 321 -2.61 -13.17 -8.84
C TYR A 321 -2.73 -14.18 -7.72
N LEU A 322 -1.82 -14.11 -6.75
CA LEU A 322 -1.91 -15.00 -5.61
C LEU A 322 -3.12 -14.75 -4.75
N GLU A 323 -3.42 -13.49 -4.49
CA GLU A 323 -4.65 -13.08 -3.76
C GLU A 323 -5.85 -13.79 -4.35
N ARG A 324 -5.97 -13.70 -5.69
CA ARG A 324 -7.19 -14.24 -6.34
C ARG A 324 -7.19 -15.75 -6.31
N HIS A 325 -6.01 -16.42 -6.27
CA HIS A 325 -6.01 -17.83 -6.00
C HIS A 325 -6.41 -18.20 -4.58
N ILE A 326 -5.99 -17.42 -3.60
CA ILE A 326 -6.44 -17.67 -2.21
C ILE A 326 -7.97 -17.58 -2.18
N CYS A 327 -8.50 -16.50 -2.77
N CYS A 327 -8.50 -16.51 -2.74
CA CYS A 327 -9.96 -16.34 -2.89
CA CYS A 327 -9.96 -16.41 -2.65
C CYS A 327 -10.61 -17.54 -3.51
C CYS A 327 -10.69 -17.42 -3.59
N GLY A 328 -10.06 -17.95 -4.64
CA GLY A 328 -10.61 -19.08 -5.38
C GLY A 328 -10.55 -20.39 -4.59
N ARG A 329 -9.52 -20.62 -3.80
CA ARG A 329 -9.48 -21.82 -2.99
C ARG A 329 -10.51 -21.74 -1.90
N LEU A 330 -10.70 -20.57 -1.31
CA LEU A 330 -11.75 -20.47 -0.26
C LEU A 330 -13.17 -20.50 -0.78
N PHE A 331 -13.42 -19.89 -1.93
CA PHE A 331 -14.80 -19.66 -2.34
C PHE A 331 -15.12 -20.16 -3.72
N GLY A 332 -14.17 -20.76 -4.40
CA GLY A 332 -14.34 -21.49 -5.63
C GLY A 332 -13.84 -20.72 -6.87
N GLU A 333 -13.63 -21.47 -7.94
CA GLU A 333 -13.06 -20.93 -9.16
C GLU A 333 -13.99 -19.91 -9.84
N LYS A 334 -15.29 -20.10 -9.72
CA LYS A 334 -16.19 -19.09 -10.30
C LYS A 334 -16.00 -17.73 -9.62
N PHE A 335 -15.72 -17.76 -8.32
CA PHE A 335 -15.50 -16.52 -7.60
C PHE A 335 -14.16 -15.91 -8.05
N ARG A 336 -13.12 -16.74 -8.26
CA ARG A 336 -11.84 -16.21 -8.76
C ARG A 336 -12.07 -15.46 -10.07
N HIS A 337 -12.85 -16.06 -10.96
CA HIS A 337 -13.15 -15.39 -12.26
C HIS A 337 -13.95 -14.13 -12.08
N PHE A 338 -14.93 -14.15 -11.16
CA PHE A 338 -15.69 -12.93 -10.85
C PHE A 338 -14.73 -11.79 -10.42
N ASN A 339 -13.81 -12.08 -9.52
CA ASN A 339 -12.89 -11.05 -9.07
C ASN A 339 -11.96 -10.63 -10.18
N ALA A 340 -11.50 -11.56 -10.97
CA ALA A 340 -10.66 -11.23 -12.11
C ALA A 340 -11.36 -10.28 -13.07
N LEU A 341 -12.58 -10.59 -13.41
CA LEU A 341 -13.32 -9.77 -14.34
C LEU A 341 -13.58 -8.40 -13.77
N GLY A 342 -13.91 -8.34 -12.51
CA GLY A 342 -14.02 -7.07 -11.85
C GLY A 342 -12.78 -6.20 -11.96
N GLY A 343 -11.63 -6.86 -11.81
CA GLY A 343 -10.30 -6.19 -11.92
C GLY A 343 -10.10 -5.60 -13.29
N TRP A 344 -10.53 -6.31 -14.33
CA TRP A 344 -10.49 -5.75 -15.68
C TRP A 344 -11.32 -4.47 -15.76
N GLY A 345 -12.50 -4.50 -15.13
CA GLY A 345 -13.34 -3.29 -15.06
C GLY A 345 -12.64 -2.12 -14.40
N GLU A 346 -11.94 -2.40 -13.30
CA GLU A 346 -11.16 -1.35 -12.64
C GLU A 346 -10.04 -0.81 -13.53
N LEU A 347 -9.41 -1.71 -14.28
CA LEU A 347 -8.37 -1.30 -15.24
C LEU A 347 -9.01 -0.43 -16.32
N GLN A 348 -10.18 -0.83 -16.83
CA GLN A 348 -10.86 0.09 -17.82
C GLN A 348 -11.02 1.47 -17.23
N ASN A 349 -11.46 1.55 -15.98
CA ASN A 349 -11.73 2.84 -15.34
C ASN A 349 -10.44 3.66 -15.25
N SER A 350 -9.34 3.01 -14.80
CA SER A 350 -8.06 3.70 -14.66
C SER A 350 -7.54 4.22 -15.99
N VAL A 351 -7.61 3.38 -17.00
CA VAL A 351 -7.15 3.80 -18.30
C VAL A 351 -7.98 4.99 -18.81
N LYS A 352 -9.29 5.00 -18.58
CA LYS A 352 -10.13 6.05 -19.10
C LYS A 352 -9.86 7.30 -18.29
N THR A 353 -9.57 7.20 -16.99
CA THR A 353 -9.26 8.39 -16.18
C THR A 353 -7.94 9.05 -16.59
N PHE A 354 -6.89 8.26 -16.81
CA PHE A 354 -5.64 8.87 -17.22
C PHE A 354 -5.69 9.23 -18.69
N GLY A 355 -6.36 8.42 -19.50
CA GLY A 355 -6.38 8.60 -20.97
C GLY A 355 -5.58 7.42 -21.51
N GLU A 356 -6.04 6.90 -22.65
CA GLU A 356 -5.47 5.66 -23.19
C GLU A 356 -4.05 5.78 -23.76
N THR A 357 -3.59 7.01 -23.90
CA THR A 357 -2.21 7.18 -24.32
C THR A 357 -1.30 7.64 -23.19
N HIS A 358 -1.81 7.72 -21.97
CA HIS A 358 -1.03 8.29 -20.89
C HIS A 358 0.10 7.35 -20.42
N PRO A 359 1.30 7.90 -20.13
CA PRO A 359 2.41 7.04 -19.74
C PRO A 359 2.20 6.29 -18.43
N PHE A 360 1.27 6.76 -17.59
CA PHE A 360 1.01 6.04 -16.32
C PHE A 360 0.12 4.82 -16.56
N THR A 361 -0.33 4.60 -17.80
CA THR A 361 -1.04 3.37 -18.10
C THR A 361 -0.17 2.29 -18.71
N LYS A 362 1.14 2.57 -18.88
CA LYS A 362 2.06 1.50 -19.20
C LYS A 362 2.28 0.56 -18.01
N LEU A 363 2.57 -0.70 -18.29
CA LEU A 363 2.85 -1.67 -17.20
C LEU A 363 4.18 -1.38 -16.52
N VAL A 364 5.22 -1.20 -17.32
CA VAL A 364 6.53 -0.75 -16.84
C VAL A 364 6.52 0.74 -17.05
N VAL A 365 6.67 1.49 -15.98
CA VAL A 365 6.58 2.94 -16.02
CA VAL A 365 6.61 2.93 -16.07
C VAL A 365 8.01 3.54 -16.04
N ASP A 366 8.13 4.76 -16.43
CA ASP A 366 9.40 5.47 -16.30
C ASP A 366 9.18 6.64 -15.38
N LEU A 367 9.70 6.50 -14.16
CA LEU A 367 9.42 7.47 -13.12
C LEU A 367 10.45 8.60 -13.06
N THR A 368 11.25 8.79 -14.14
CA THR A 368 12.17 9.93 -14.22
C THR A 368 11.37 11.22 -14.00
N ASP A 369 11.77 11.98 -12.98
CA ASP A 369 11.13 13.25 -12.63
C ASP A 369 9.63 13.15 -12.32
N ILE A 370 9.16 11.96 -11.97
CA ILE A 370 7.75 11.78 -11.58
C ILE A 370 7.72 11.45 -10.09
N ASP A 371 6.87 12.12 -9.32
CA ASP A 371 6.61 11.76 -7.91
C ASP A 371 5.84 10.44 -7.93
N PRO A 372 6.35 9.36 -7.35
CA PRO A 372 5.58 8.11 -7.38
C PRO A 372 4.16 8.26 -6.90
N ASP A 373 3.91 9.07 -5.89
CA ASP A 373 2.53 9.18 -5.40
C ASP A 373 1.56 9.75 -6.43
N VAL A 374 2.03 10.51 -7.40
CA VAL A 374 1.16 11.03 -8.46
C VAL A 374 0.86 9.98 -9.54
N ALA A 375 1.74 8.99 -9.69
CA ALA A 375 1.55 7.93 -10.68
C ALA A 375 0.73 6.74 -10.12
N TYR A 376 0.69 6.57 -8.80
CA TYR A 376 0.06 5.39 -8.20
C TYR A 376 -1.40 5.22 -8.67
N SER A 377 -1.74 4.00 -9.04
CA SER A 377 -3.10 3.69 -9.54
C SER A 377 -3.28 2.19 -9.56
N SER A 378 -4.47 1.75 -10.01
CA SER A 378 -4.69 0.33 -10.19
CA SER A 378 -4.73 0.36 -10.23
C SER A 378 -4.02 -0.27 -11.41
N VAL A 379 -3.37 0.52 -12.26
CA VAL A 379 -2.77 -0.02 -13.44
C VAL A 379 -1.75 -1.17 -13.15
N PRO A 380 -0.75 -0.97 -12.26
CA PRO A 380 0.24 -2.04 -12.05
C PRO A 380 -0.44 -3.27 -11.47
N TYR A 381 -1.49 -3.07 -10.64
CA TYR A 381 -2.22 -4.18 -10.06
C TYR A 381 -2.93 -5.00 -11.13
N GLU A 382 -3.74 -4.30 -11.93
CA GLU A 382 -4.74 -4.97 -12.79
C GLU A 382 -4.20 -5.20 -14.19
N LYS A 383 -3.34 -4.32 -14.70
CA LYS A 383 -2.72 -4.71 -15.97
C LYS A 383 -1.70 -5.81 -15.71
N GLY A 384 -1.02 -5.77 -14.54
CA GLY A 384 -0.11 -6.84 -14.16
C GLY A 384 -0.86 -8.16 -13.95
N PHE A 385 -1.99 -8.14 -13.22
CA PHE A 385 -2.73 -9.35 -13.05
C PHE A 385 -3.21 -9.89 -14.42
N ALA A 386 -3.69 -8.98 -15.28
CA ALA A 386 -4.24 -9.42 -16.58
C ALA A 386 -3.15 -10.13 -17.39
N LEU A 387 -1.92 -9.62 -17.35
CA LEU A 387 -0.85 -10.29 -18.08
C LEU A 387 -0.62 -11.70 -17.53
N LEU A 388 -0.61 -11.83 -16.20
CA LEU A 388 -0.35 -13.16 -15.63
C LEU A 388 -1.54 -14.12 -15.93
N PHE A 389 -2.78 -13.60 -15.85
CA PHE A 389 -3.94 -14.44 -16.15
C PHE A 389 -3.96 -14.85 -17.62
N TYR A 390 -3.56 -13.95 -18.52
CA TYR A 390 -3.43 -14.30 -19.93
C TYR A 390 -2.35 -15.38 -20.10
N LEU A 391 -1.20 -15.22 -19.44
CA LEU A 391 -0.17 -16.27 -19.49
C LEU A 391 -0.65 -17.59 -18.91
N GLU A 392 -1.34 -17.57 -17.78
CA GLU A 392 -1.95 -18.77 -17.23
C GLU A 392 -2.79 -19.52 -18.30
N GLN A 393 -3.64 -18.78 -18.99
CA GLN A 393 -4.47 -19.37 -20.03
C GLN A 393 -3.69 -19.87 -21.23
N LEU A 394 -2.66 -19.14 -21.64
CA LEU A 394 -1.89 -19.58 -22.79
CA LEU A 394 -1.82 -19.51 -22.77
C LEU A 394 -1.05 -20.80 -22.48
N LEU A 395 -0.61 -20.92 -21.23
CA LEU A 395 0.39 -21.94 -20.87
C LEU A 395 -0.15 -23.23 -20.28
N GLY A 396 -1.45 -23.36 -20.21
CA GLY A 396 -2.04 -24.64 -19.76
C GLY A 396 -2.86 -24.60 -18.49
N GLY A 397 -3.04 -23.44 -17.86
CA GLY A 397 -4.02 -23.34 -16.78
C GLY A 397 -3.38 -23.06 -15.43
N PRO A 398 -4.23 -22.92 -14.40
CA PRO A 398 -3.76 -22.44 -13.12
C PRO A 398 -2.81 -23.34 -12.41
N GLU A 399 -2.97 -24.67 -12.52
CA GLU A 399 -2.04 -25.54 -11.78
C GLU A 399 -0.63 -25.35 -12.35
N ILE A 400 -0.55 -25.33 -13.69
CA ILE A 400 0.75 -25.16 -14.33
C ILE A 400 1.35 -23.79 -13.99
N PHE A 401 0.54 -22.75 -14.06
CA PHE A 401 1.10 -21.43 -13.82
C PHE A 401 1.46 -21.23 -12.34
N LEU A 402 0.73 -21.87 -11.43
CA LEU A 402 1.13 -21.85 -10.02
C LEU A 402 2.49 -22.53 -9.76
N GLY A 403 2.83 -23.53 -10.59
CA GLY A 403 4.14 -24.16 -10.49
C GLY A 403 5.23 -23.12 -10.81
N PHE A 404 4.97 -22.32 -11.86
CA PHE A 404 5.90 -21.24 -12.17
C PHE A 404 5.99 -20.25 -11.00
N LEU A 405 4.85 -19.84 -10.45
CA LEU A 405 4.89 -18.84 -9.40
C LEU A 405 5.75 -19.32 -8.20
N LYS A 406 5.57 -20.59 -7.79
CA LYS A 406 6.35 -21.06 -6.66
C LYS A 406 7.84 -21.12 -7.03
N ALA A 407 8.16 -21.57 -8.23
CA ALA A 407 9.56 -21.59 -8.67
C ALA A 407 10.19 -20.19 -8.76
N TYR A 408 9.41 -19.22 -9.20
CA TYR A 408 9.81 -17.83 -9.30
C TYR A 408 10.15 -17.26 -7.91
N VAL A 409 9.27 -17.49 -6.93
CA VAL A 409 9.57 -17.01 -5.58
C VAL A 409 10.81 -17.69 -5.04
N GLU A 410 10.96 -18.99 -5.30
CA GLU A 410 12.15 -19.66 -4.80
C GLU A 410 13.43 -19.06 -5.45
N LYS A 411 13.40 -18.85 -6.77
CA LYS A 411 14.55 -18.40 -7.51
C LYS A 411 15.00 -17.03 -7.00
N PHE A 412 14.04 -16.14 -6.73
CA PHE A 412 14.42 -14.75 -6.49
C PHE A 412 14.23 -14.32 -5.02
N SER A 413 14.06 -15.28 -4.14
CA SER A 413 13.91 -14.92 -2.74
C SER A 413 15.08 -14.13 -2.22
N TYR A 414 14.82 -13.09 -1.44
CA TYR A 414 15.83 -12.25 -0.84
C TYR A 414 16.52 -11.39 -1.86
N LYS A 415 15.98 -11.24 -3.07
CA LYS A 415 16.66 -10.49 -4.13
C LYS A 415 15.69 -9.38 -4.62
N SER A 416 16.24 -8.44 -5.36
CA SER A 416 15.49 -7.38 -6.02
C SER A 416 15.73 -7.47 -7.50
N ILE A 417 14.66 -7.50 -8.30
CA ILE A 417 14.71 -7.90 -9.69
C ILE A 417 13.97 -6.94 -10.60
N THR A 418 14.28 -7.05 -11.88
CA THR A 418 13.60 -6.23 -12.90
C THR A 418 12.66 -7.07 -13.77
N THR A 419 11.87 -6.39 -14.58
CA THR A 419 10.98 -7.02 -15.53
C THR A 419 11.77 -8.00 -16.43
N ASP A 420 12.95 -7.59 -16.89
CA ASP A 420 13.74 -8.48 -17.73
C ASP A 420 14.19 -9.75 -16.97
N ASP A 421 14.49 -9.59 -15.67
CA ASP A 421 14.79 -10.78 -14.92
C ASP A 421 13.62 -11.75 -14.83
N TRP A 422 12.42 -11.20 -14.58
CA TRP A 422 11.21 -12.03 -14.52
C TRP A 422 11.01 -12.69 -15.87
N LYS A 423 11.11 -11.91 -16.96
CA LYS A 423 10.81 -12.51 -18.27
C LYS A 423 11.80 -13.59 -18.65
N ASP A 424 13.07 -13.36 -18.32
CA ASP A 424 14.09 -14.36 -18.58
CA ASP A 424 14.03 -14.38 -18.59
C ASP A 424 13.74 -15.66 -17.83
N PHE A 425 13.36 -15.53 -16.55
CA PHE A 425 13.02 -16.73 -15.82
C PHE A 425 11.72 -17.42 -16.35
N LEU A 426 10.70 -16.64 -16.71
CA LEU A 426 9.51 -17.19 -17.37
C LEU A 426 9.88 -18.07 -18.55
N TYR A 427 10.79 -17.55 -19.39
CA TYR A 427 11.19 -18.31 -20.57
C TYR A 427 12.01 -19.57 -20.20
N SER A 428 12.83 -19.47 -19.17
CA SER A 428 13.62 -20.60 -18.69
C SER A 428 12.66 -21.70 -18.17
N TYR A 429 11.75 -21.32 -17.28
CA TYR A 429 10.81 -22.26 -16.69
C TYR A 429 9.98 -22.96 -17.76
N PHE A 430 9.44 -22.15 -18.67
CA PHE A 430 8.57 -22.64 -19.75
C PHE A 430 9.31 -22.90 -21.05
N LYS A 431 10.51 -23.44 -20.95
CA LYS A 431 11.32 -23.60 -22.16
C LYS A 431 10.66 -24.51 -23.19
N ASP A 432 9.86 -25.47 -22.74
CA ASP A 432 9.19 -26.32 -23.73
C ASP A 432 7.93 -25.68 -24.32
N LYS A 433 7.59 -24.48 -23.87
CA LYS A 433 6.47 -23.76 -24.45
C LYS A 433 6.88 -22.41 -25.01
N VAL A 434 8.14 -22.30 -25.43
CA VAL A 434 8.63 -21.00 -25.87
C VAL A 434 7.84 -20.50 -27.07
N ASP A 435 7.33 -21.41 -27.88
CA ASP A 435 6.68 -20.91 -29.06
C ASP A 435 5.41 -20.14 -28.70
N VAL A 436 4.72 -20.63 -27.67
CA VAL A 436 3.56 -19.96 -27.14
C VAL A 436 3.95 -18.65 -26.48
N LEU A 437 5.04 -18.62 -25.68
CA LEU A 437 5.52 -17.34 -25.14
C LEU A 437 5.87 -16.34 -26.24
N ASN A 438 6.47 -16.81 -27.32
CA ASN A 438 6.89 -15.88 -28.38
C ASN A 438 5.68 -15.32 -29.14
N GLN A 439 4.50 -15.91 -28.94
CA GLN A 439 3.24 -15.38 -29.47
C GLN A 439 2.70 -14.14 -28.69
N VAL A 440 3.22 -13.89 -27.48
CA VAL A 440 2.75 -12.73 -26.75
CA VAL A 440 2.82 -12.75 -26.68
C VAL A 440 3.37 -11.46 -27.33
N ASP A 441 2.58 -10.38 -27.37
CA ASP A 441 3.09 -9.11 -27.86
C ASP A 441 3.73 -8.38 -26.68
N TRP A 442 4.99 -8.76 -26.36
CA TRP A 442 5.65 -8.27 -25.17
C TRP A 442 5.78 -6.76 -25.19
N ASN A 443 6.12 -6.17 -26.34
CA ASN A 443 6.28 -4.72 -26.34
C ASN A 443 4.97 -4.02 -25.98
N ALA A 444 3.84 -4.51 -26.48
CA ALA A 444 2.58 -3.85 -26.15
C ALA A 444 2.26 -4.10 -24.66
N TRP A 445 2.27 -5.37 -24.23
CA TRP A 445 1.94 -5.65 -22.82
C TRP A 445 2.79 -4.85 -21.84
N LEU A 446 4.11 -4.82 -22.06
CA LEU A 446 4.99 -4.23 -21.04
C LEU A 446 5.16 -2.72 -21.17
N TYR A 447 5.11 -2.22 -22.41
CA TYR A 447 5.62 -0.86 -22.65
C TYR A 447 4.63 0.07 -23.33
N SER A 448 3.45 -0.39 -23.76
CA SER A 448 2.52 0.48 -24.43
C SER A 448 1.46 0.95 -23.48
N PRO A 449 0.95 2.18 -23.70
CA PRO A 449 -0.14 2.66 -22.85
C PRO A 449 -1.46 1.99 -23.21
N GLY A 450 -2.47 2.22 -22.37
CA GLY A 450 -3.84 1.82 -22.69
C GLY A 450 -4.22 0.41 -22.24
N LEU A 451 -5.37 -0.04 -22.66
CA LEU A 451 -5.74 -1.40 -22.31
C LEU A 451 -4.81 -2.39 -23.01
N PRO A 452 -4.64 -3.57 -22.43
CA PRO A 452 -3.73 -4.56 -23.03
C PRO A 452 -4.18 -5.01 -24.41
N PRO A 453 -3.28 -5.61 -25.20
CA PRO A 453 -3.63 -5.94 -26.59
C PRO A 453 -4.63 -7.10 -26.73
N ILE A 454 -4.83 -7.86 -25.65
CA ILE A 454 -5.72 -9.01 -25.65
C ILE A 454 -6.36 -9.10 -24.28
N LYS A 455 -7.63 -9.44 -24.26
CA LYS A 455 -8.37 -9.61 -23.03
C LYS A 455 -8.45 -11.12 -22.73
N PRO A 456 -8.08 -11.52 -21.50
CA PRO A 456 -8.29 -12.94 -21.15
C PRO A 456 -9.73 -13.43 -21.26
N ASN A 457 -9.85 -14.75 -21.15
CA ASN A 457 -11.20 -15.34 -21.08
C ASN A 457 -11.68 -15.42 -19.64
N TYR A 458 -12.86 -14.93 -19.35
CA TYR A 458 -13.40 -14.95 -18.00
C TYR A 458 -14.71 -15.73 -17.96
N ASP A 459 -14.86 -16.58 -16.97
CA ASP A 459 -16.16 -17.14 -16.64
C ASP A 459 -17.04 -15.99 -16.16
N MET A 460 -18.26 -15.94 -16.68
CA MET A 460 -19.13 -14.83 -16.30
CA MET A 460 -19.26 -14.91 -16.47
C MET A 460 -20.32 -15.24 -15.43
N THR A 461 -20.30 -16.47 -14.88
CA THR A 461 -21.46 -16.98 -14.10
C THR A 461 -21.94 -16.00 -13.05
N LEU A 462 -21.03 -15.50 -12.20
CA LEU A 462 -21.46 -14.70 -11.08
C LEU A 462 -21.62 -13.22 -11.45
N THR A 463 -21.13 -12.87 -12.63
CA THR A 463 -21.24 -11.49 -13.10
C THR A 463 -22.53 -11.22 -13.86
N ASN A 464 -23.06 -12.24 -14.51
CA ASN A 464 -24.20 -12.04 -15.41
C ASN A 464 -25.37 -11.34 -14.71
N ALA A 465 -25.73 -11.70 -13.48
CA ALA A 465 -26.85 -11.05 -12.83
C ALA A 465 -26.61 -9.58 -12.54
N CYS A 466 -25.36 -9.21 -12.29
CA CYS A 466 -24.98 -7.83 -12.05
C CYS A 466 -25.12 -7.01 -13.31
N ILE A 467 -24.61 -7.52 -14.43
CA ILE A 467 -24.75 -6.84 -15.72
C ILE A 467 -26.22 -6.71 -16.08
N ALA A 468 -26.98 -7.78 -15.92
CA ALA A 468 -28.39 -7.74 -16.31
C ALA A 468 -29.12 -6.65 -15.56
N LEU A 469 -28.90 -6.59 -14.24
CA LEU A 469 -29.65 -5.59 -13.46
C LEU A 469 -29.21 -4.19 -13.81
N SER A 470 -27.86 -4.02 -13.96
CA SER A 470 -27.37 -2.71 -14.38
C SER A 470 -28.02 -2.25 -15.70
N GLN A 471 -28.00 -3.15 -16.68
CA GLN A 471 -28.59 -2.80 -17.97
C GLN A 471 -30.09 -2.48 -17.84
N ARG A 472 -30.79 -3.19 -16.97
CA ARG A 472 -32.23 -2.82 -16.79
C ARG A 472 -32.30 -1.41 -16.33
N TRP A 473 -31.49 -0.96 -15.39
CA TRP A 473 -31.54 0.41 -14.93
C TRP A 473 -31.12 1.42 -15.94
N ILE A 474 -30.07 1.13 -16.71
CA ILE A 474 -29.63 2.05 -17.69
C ILE A 474 -30.65 2.27 -18.81
N THR A 475 -31.21 1.16 -19.21
CA THR A 475 -32.20 1.22 -20.30
C THR A 475 -33.61 1.60 -19.86
N ALA A 476 -33.87 1.68 -18.58
CA ALA A 476 -35.23 2.01 -18.09
C ALA A 476 -35.56 3.42 -18.47
N LYS A 477 -36.86 3.60 -18.82
CA LYS A 477 -37.42 4.93 -18.93
C LYS A 477 -38.28 5.15 -17.69
N GLU A 478 -38.88 6.35 -17.58
CA GLU A 478 -39.63 6.64 -16.37
C GLU A 478 -40.68 5.57 -16.07
N ASP A 479 -41.40 5.15 -17.14
CA ASP A 479 -42.49 4.19 -16.90
C ASP A 479 -42.05 2.82 -16.48
N ASP A 480 -40.71 2.56 -16.51
CA ASP A 480 -40.17 1.28 -16.07
C ASP A 480 -39.71 1.29 -14.59
N LEU A 481 -39.66 2.47 -14.00
CA LEU A 481 -39.10 2.56 -12.64
C LEU A 481 -39.96 1.79 -11.64
N ASN A 482 -41.28 1.71 -11.86
CA ASN A 482 -42.14 1.05 -10.92
C ASN A 482 -41.83 -0.41 -10.84
N SER A 483 -41.26 -1.00 -11.89
CA SER A 483 -40.99 -2.40 -11.91
C SER A 483 -39.89 -2.82 -10.94
N PHE A 484 -38.98 -1.94 -10.58
CA PHE A 484 -37.87 -2.31 -9.65
C PHE A 484 -38.44 -2.45 -8.27
N ASN A 485 -37.82 -3.35 -7.51
CA ASN A 485 -38.31 -3.69 -6.21
C ASN A 485 -37.15 -4.31 -5.41
N ALA A 486 -37.22 -4.28 -4.09
CA ALA A 486 -36.20 -4.85 -3.23
C ALA A 486 -35.92 -6.30 -3.61
N THR A 487 -36.90 -7.05 -4.07
CA THR A 487 -36.64 -8.43 -4.44
C THR A 487 -35.58 -8.61 -5.54
N ASP A 488 -35.33 -7.59 -6.31
CA ASP A 488 -34.29 -7.64 -7.33
C ASP A 488 -32.92 -8.03 -6.73
N LEU A 489 -32.73 -7.76 -5.45
CA LEU A 489 -31.40 -7.94 -4.82
C LEU A 489 -31.36 -9.23 -4.07
N LYS A 490 -32.45 -10.00 -4.06
CA LYS A 490 -32.47 -11.07 -3.07
C LYS A 490 -31.41 -12.14 -3.24
N ASP A 491 -31.02 -12.38 -4.48
CA ASP A 491 -30.02 -13.42 -4.70
C ASP A 491 -28.66 -12.83 -5.05
N LEU A 492 -28.41 -11.58 -4.67
CA LEU A 492 -27.09 -10.99 -4.93
C LEU A 492 -26.30 -10.90 -3.65
N SER A 493 -25.07 -11.39 -3.68
CA SER A 493 -24.19 -11.20 -2.52
C SER A 493 -23.75 -9.75 -2.41
N SER A 494 -23.09 -9.39 -1.32
CA SER A 494 -22.53 -8.05 -1.26
C SER A 494 -21.54 -7.80 -2.40
N HIS A 495 -20.74 -8.81 -2.78
CA HIS A 495 -19.82 -8.69 -3.91
C HIS A 495 -20.54 -8.33 -5.20
N GLN A 496 -21.66 -9.02 -5.39
CA GLN A 496 -22.47 -8.73 -6.59
C GLN A 496 -23.19 -7.38 -6.52
N LEU A 497 -23.63 -6.95 -5.36
CA LEU A 497 -24.15 -5.58 -5.26
C LEU A 497 -23.11 -4.56 -5.66
N ASN A 498 -21.88 -4.75 -5.15
CA ASN A 498 -20.80 -3.86 -5.50
C ASN A 498 -20.54 -3.86 -6.99
N GLU A 499 -20.56 -5.02 -7.62
CA GLU A 499 -20.30 -5.10 -9.04
C GLU A 499 -21.47 -4.47 -9.87
N PHE A 500 -22.73 -4.64 -9.40
CA PHE A 500 -23.89 -3.93 -10.03
C PHE A 500 -23.60 -2.44 -10.00
N LEU A 501 -23.18 -1.92 -8.85
CA LEU A 501 -22.91 -0.50 -8.78
C LEU A 501 -21.76 -0.08 -9.64
N ALA A 502 -20.68 -0.90 -9.69
CA ALA A 502 -19.53 -0.55 -10.54
C ALA A 502 -19.92 -0.53 -12.02
N GLN A 503 -20.72 -1.52 -12.44
CA GLN A 503 -21.19 -1.53 -13.82
C GLN A 503 -22.05 -0.29 -14.13
N THR A 504 -22.86 0.11 -13.18
CA THR A 504 -23.76 1.26 -13.43
C THR A 504 -22.97 2.56 -13.41
N LEU A 505 -21.97 2.64 -12.48
CA LEU A 505 -21.16 3.84 -12.38
C LEU A 505 -20.35 4.08 -13.66
N GLN A 506 -20.01 3.02 -14.37
CA GLN A 506 -19.30 3.17 -15.66
C GLN A 506 -20.15 3.92 -16.65
N ARG A 507 -21.49 3.97 -16.48
CA ARG A 507 -22.38 4.70 -17.43
C ARG A 507 -22.91 5.95 -16.76
N ALA A 508 -22.44 6.41 -15.63
CA ALA A 508 -22.98 7.57 -14.96
C ALA A 508 -22.63 8.81 -15.73
N PRO A 509 -23.45 9.88 -15.64
CA PRO A 509 -24.67 9.91 -14.82
C PRO A 509 -25.86 9.11 -15.37
N LEU A 510 -26.71 8.69 -14.43
CA LEU A 510 -28.06 8.24 -14.78
C LEU A 510 -29.00 9.37 -14.40
N PRO A 511 -30.28 9.32 -14.95
CA PRO A 511 -31.24 10.33 -14.57
C PRO A 511 -31.46 10.39 -13.08
N LEU A 512 -31.65 11.57 -12.57
CA LEU A 512 -31.81 11.75 -11.15
C LEU A 512 -32.98 10.93 -10.60
N GLY A 513 -34.11 10.89 -11.35
CA GLY A 513 -35.26 10.07 -10.91
C GLY A 513 -34.94 8.60 -10.78
N HIS A 514 -34.02 8.11 -11.64
CA HIS A 514 -33.61 6.74 -11.49
C HIS A 514 -32.87 6.51 -10.15
N ILE A 515 -31.95 7.43 -9.85
CA ILE A 515 -31.18 7.24 -8.61
C ILE A 515 -32.08 7.37 -7.35
N LYS A 516 -33.04 8.32 -7.44
CA LYS A 516 -33.99 8.40 -6.33
C LYS A 516 -34.77 7.10 -6.17
N ARG A 517 -35.16 6.51 -7.28
CA ARG A 517 -35.90 5.23 -7.21
C ARG A 517 -35.06 4.14 -6.64
N MET A 518 -33.77 4.13 -7.04
CA MET A 518 -32.88 3.13 -6.49
C MET A 518 -32.78 3.20 -4.97
N GLN A 519 -32.69 4.40 -4.44
CA GLN A 519 -32.70 4.49 -3.00
C GLN A 519 -34.02 4.03 -2.40
N GLU A 520 -35.12 4.41 -3.04
CA GLU A 520 -36.46 4.05 -2.54
C GLU A 520 -36.61 2.55 -2.45
N VAL A 521 -36.17 1.80 -3.47
CA VAL A 521 -36.45 0.35 -3.50
C VAL A 521 -35.29 -0.47 -2.90
N TYR A 522 -34.05 0.00 -2.98
CA TYR A 522 -32.92 -0.81 -2.51
C TYR A 522 -32.30 -0.30 -1.24
N ASN A 523 -32.60 0.94 -0.84
CA ASN A 523 -32.12 1.53 0.44
C ASN A 523 -30.61 1.34 0.55
N PHE A 524 -29.90 1.74 -0.49
CA PHE A 524 -28.43 1.67 -0.45
C PHE A 524 -27.85 2.63 0.57
N ASN A 525 -28.58 3.69 0.95
CA ASN A 525 -28.09 4.59 2.01
C ASN A 525 -27.81 3.80 3.32
N ALA A 526 -28.49 2.69 3.53
CA ALA A 526 -28.34 1.94 4.77
C ALA A 526 -27.17 0.99 4.81
N ILE A 527 -26.46 0.84 3.69
CA ILE A 527 -25.36 -0.13 3.65
C ILE A 527 -24.08 0.56 4.17
N ASN A 528 -23.42 -0.11 5.09
CA ASN A 528 -22.24 0.45 5.69
C ASN A 528 -20.93 -0.08 5.07
N ASN A 529 -21.00 -1.13 4.26
CA ASN A 529 -19.87 -1.70 3.55
C ASN A 529 -19.22 -0.57 2.74
N SER A 530 -17.95 -0.30 3.04
CA SER A 530 -17.32 0.92 2.49
CA SER A 530 -17.36 0.94 2.48
C SER A 530 -17.21 0.89 0.97
N GLU A 531 -16.97 -0.27 0.38
CA GLU A 531 -16.82 -0.36 -1.08
C GLU A 531 -18.16 -0.05 -1.75
N ILE A 532 -19.25 -0.66 -1.22
CA ILE A 532 -20.59 -0.39 -1.82
C ILE A 532 -20.91 1.07 -1.56
N ARG A 533 -20.76 1.57 -0.34
CA ARG A 533 -21.15 2.95 -0.06
C ARG A 533 -20.44 3.94 -0.92
N PHE A 534 -19.13 3.73 -1.13
CA PHE A 534 -18.34 4.60 -1.94
C PHE A 534 -18.92 4.65 -3.38
N ARG A 535 -19.16 3.48 -3.96
CA ARG A 535 -19.66 3.50 -5.36
C ARG A 535 -21.10 4.09 -5.46
N TRP A 536 -21.91 3.79 -4.47
CA TRP A 536 -23.29 4.36 -4.44
C TRP A 536 -23.19 5.83 -4.32
N LEU A 537 -22.37 6.40 -3.43
CA LEU A 537 -22.32 7.83 -3.30
C LEU A 537 -21.73 8.50 -4.52
N ARG A 538 -20.73 7.87 -5.18
CA ARG A 538 -20.24 8.43 -6.42
C ARG A 538 -21.36 8.48 -7.46
N LEU A 539 -22.12 7.40 -7.53
CA LEU A 539 -23.24 7.36 -8.51
C LEU A 539 -24.22 8.49 -8.21
N CYS A 540 -24.54 8.69 -6.95
CA CYS A 540 -25.48 9.77 -6.56
C CYS A 540 -24.95 11.14 -6.90
N ILE A 541 -23.68 11.45 -6.61
CA ILE A 541 -23.13 12.76 -6.85
C ILE A 541 -22.97 13.00 -8.33
N GLN A 542 -22.47 12.03 -9.07
CA GLN A 542 -22.32 12.22 -10.50
C GLN A 542 -23.69 12.37 -11.16
N SER A 543 -24.74 11.79 -10.57
CA SER A 543 -26.13 11.94 -11.08
C SER A 543 -26.83 13.13 -10.47
N LYS A 544 -26.11 13.98 -9.76
CA LYS A 544 -26.54 15.32 -9.36
C LYS A 544 -27.60 15.32 -8.30
N TRP A 545 -27.54 14.33 -7.40
CA TRP A 545 -28.49 14.26 -6.28
C TRP A 545 -28.02 15.10 -5.09
N GLU A 546 -28.58 16.27 -4.84
CA GLU A 546 -28.14 17.11 -3.77
C GLU A 546 -28.23 16.51 -2.40
N ASP A 547 -29.19 15.61 -2.20
CA ASP A 547 -29.28 14.97 -0.88
C ASP A 547 -28.03 14.15 -0.54
N ALA A 548 -27.30 13.67 -1.55
CA ALA A 548 -26.13 12.87 -1.30
C ALA A 548 -24.92 13.70 -0.93
N ILE A 549 -24.98 15.02 -1.08
CA ILE A 549 -23.80 15.87 -0.81
C ILE A 549 -23.34 15.69 0.61
N PRO A 550 -24.17 15.82 1.66
CA PRO A 550 -23.62 15.70 3.02
C PRO A 550 -23.11 14.27 3.28
N LEU A 551 -23.71 13.25 2.65
CA LEU A 551 -23.27 11.85 2.88
C LEU A 551 -21.92 11.65 2.27
N ALA A 552 -21.67 12.19 1.09
CA ALA A 552 -20.38 12.06 0.44
C ALA A 552 -19.33 12.89 1.13
N LEU A 553 -19.60 14.09 1.60
CA LEU A 553 -18.64 14.89 2.35
C LEU A 553 -18.29 14.17 3.64
N LYS A 554 -19.25 13.58 4.32
CA LYS A 554 -18.98 12.86 5.56
C LYS A 554 -18.08 11.64 5.29
N MET A 555 -18.35 10.84 4.28
CA MET A 555 -17.54 9.70 3.99
C MET A 555 -16.13 10.15 3.58
N ALA A 556 -16.00 11.25 2.83
CA ALA A 556 -14.69 11.68 2.34
C ALA A 556 -13.77 12.14 3.49
N THR A 557 -14.35 12.60 4.59
CA THR A 557 -13.61 13.21 5.70
C THR A 557 -13.56 12.35 6.95
N GLU A 558 -14.51 11.46 7.17
CA GLU A 558 -14.53 10.65 8.37
C GLU A 558 -13.60 9.46 8.24
N GLN A 559 -13.16 9.17 7.03
CA GLN A 559 -12.05 8.24 6.78
C GLN A 559 -11.22 8.87 5.71
N GLY A 560 -10.04 8.32 5.51
CA GLY A 560 -9.03 8.91 4.65
C GLY A 560 -8.39 7.94 3.70
N ARG A 561 -8.95 6.77 3.47
CA ARG A 561 -8.41 5.89 2.50
C ARG A 561 -8.45 6.54 1.15
N MET A 562 -7.35 6.75 0.43
CA MET A 562 -7.37 7.55 -0.77
C MET A 562 -8.22 7.01 -1.87
N LYS A 563 -8.35 5.70 -1.94
CA LYS A 563 -9.22 5.05 -2.90
C LYS A 563 -10.66 5.64 -2.84
N PHE A 564 -11.07 6.04 -1.66
CA PHE A 564 -12.44 6.55 -1.46
C PHE A 564 -12.38 8.07 -1.35
N THR A 565 -11.49 8.67 -0.58
CA THR A 565 -11.45 10.05 -0.36
C THR A 565 -11.14 10.83 -1.62
N ARG A 566 -10.17 10.39 -2.44
CA ARG A 566 -9.85 11.22 -3.60
C ARG A 566 -11.02 11.31 -4.62
N PRO A 567 -11.61 10.15 -4.98
CA PRO A 567 -12.69 10.31 -5.99
C PRO A 567 -13.95 10.95 -5.42
N LEU A 568 -14.22 10.81 -4.12
CA LEU A 568 -15.37 11.51 -3.54
C LEU A 568 -15.16 13.01 -3.57
N PHE A 569 -13.97 13.52 -3.22
CA PHE A 569 -13.68 14.94 -3.30
C PHE A 569 -13.72 15.38 -4.76
N LYS A 570 -13.18 14.59 -5.69
CA LYS A 570 -13.18 15.00 -7.09
C LYS A 570 -14.62 15.07 -7.61
N ASP A 571 -15.47 14.10 -7.25
CA ASP A 571 -16.87 14.16 -7.72
C ASP A 571 -17.58 15.32 -7.08
N LEU A 572 -17.36 15.61 -5.80
CA LEU A 572 -18.01 16.75 -5.15
C LEU A 572 -17.56 18.05 -5.78
N ALA A 573 -16.28 18.15 -6.19
CA ALA A 573 -15.81 19.37 -6.84
C ALA A 573 -16.39 19.52 -8.23
N ALA A 574 -16.71 18.40 -8.91
CA ALA A 574 -17.25 18.50 -10.29
C ALA A 574 -18.72 18.81 -10.30
N PHE A 575 -19.42 18.58 -9.20
CA PHE A 575 -20.86 18.88 -9.09
C PHE A 575 -20.95 20.33 -8.68
N ASP A 576 -21.60 21.14 -9.51
CA ASP A 576 -21.56 22.57 -9.22
C ASP A 576 -22.20 22.89 -7.86
N LYS A 577 -23.25 22.14 -7.46
CA LYS A 577 -23.94 22.44 -6.19
C LYS A 577 -23.05 22.18 -4.96
N SER A 578 -22.11 21.24 -5.06
CA SER A 578 -21.22 20.93 -3.95
C SER A 578 -19.82 21.54 -4.06
N HIS A 579 -19.48 22.14 -5.21
CA HIS A 579 -18.09 22.53 -5.44
C HIS A 579 -17.53 23.40 -4.34
N ASP A 580 -18.24 24.48 -4.00
CA ASP A 580 -17.65 25.41 -3.06
C ASP A 580 -17.47 24.76 -1.68
N GLN A 581 -18.46 23.99 -1.24
CA GLN A 581 -18.35 23.33 0.03
C GLN A 581 -17.23 22.29 0.01
N ALA A 582 -17.07 21.58 -1.10
CA ALA A 582 -15.96 20.60 -1.17
C ALA A 582 -14.62 21.27 -0.95
N VAL A 583 -14.42 22.40 -1.62
CA VAL A 583 -13.16 23.13 -1.44
C VAL A 583 -13.02 23.65 0.00
N ARG A 584 -14.09 24.22 0.58
CA ARG A 584 -13.98 24.69 1.99
C ARG A 584 -13.66 23.56 2.94
N THR A 585 -14.29 22.42 2.70
CA THR A 585 -14.11 21.26 3.54
C THR A 585 -12.65 20.78 3.48
N TYR A 586 -12.12 20.67 2.27
CA TYR A 586 -10.70 20.34 2.15
C TYR A 586 -9.85 21.37 2.90
N GLN A 587 -10.07 22.67 2.73
N GLN A 587 -10.12 22.64 2.69
CA GLN A 587 -9.16 23.64 3.39
CA GLN A 587 -9.35 23.68 3.32
C GLN A 587 -9.32 23.63 4.92
C GLN A 587 -9.33 23.48 4.82
N GLU A 588 -10.50 23.27 5.40
CA GLU A 588 -10.81 23.07 6.85
CA GLU A 588 -10.61 23.21 6.85
C GLU A 588 -9.99 21.92 7.42
N HIS A 589 -9.94 20.84 6.67
CA HIS A 589 -9.37 19.58 7.14
C HIS A 589 -7.91 19.38 6.77
N LYS A 590 -7.41 20.22 5.86
N LYS A 590 -7.38 20.08 5.78
CA LYS A 590 -6.06 20.12 5.26
CA LYS A 590 -6.02 19.74 5.27
C LYS A 590 -4.97 19.81 6.27
C LYS A 590 -4.97 19.66 6.40
N ALA A 591 -4.93 20.61 7.33
CA ALA A 591 -3.86 20.58 8.33
C ALA A 591 -3.87 19.33 9.18
N SER A 592 -5.01 18.65 9.27
CA SER A 592 -5.09 17.44 10.07
C SER A 592 -5.25 16.17 9.25
N MET A 593 -5.03 16.28 7.92
CA MET A 593 -5.02 15.10 7.07
C MET A 593 -3.61 14.47 7.04
N HIS A 594 -3.58 13.24 6.56
CA HIS A 594 -2.30 12.60 6.24
C HIS A 594 -1.60 13.48 5.22
N PRO A 595 -0.26 13.63 5.33
CA PRO A 595 0.42 14.54 4.41
C PRO A 595 0.31 14.11 2.94
N VAL A 596 0.32 12.85 2.62
CA VAL A 596 0.28 12.47 1.22
C VAL A 596 -1.16 12.69 0.69
N THR A 597 -2.15 12.27 1.50
CA THR A 597 -3.56 12.51 1.10
C THR A 597 -3.79 13.98 0.93
N ALA A 598 -3.32 14.83 1.84
CA ALA A 598 -3.51 16.25 1.70
C ALA A 598 -2.97 16.80 0.42
N MET A 599 -1.75 16.37 0.07
CA MET A 599 -1.10 16.77 -1.18
CA MET A 599 -1.15 16.83 -1.17
C MET A 599 -1.96 16.39 -2.41
N LEU A 600 -2.37 15.13 -2.44
CA LEU A 600 -3.05 14.63 -3.64
C LEU A 600 -4.45 15.18 -3.80
N VAL A 601 -5.19 15.31 -2.68
CA VAL A 601 -6.54 15.90 -2.78
C VAL A 601 -6.39 17.36 -3.25
N GLY A 602 -5.41 18.08 -2.72
CA GLY A 602 -5.15 19.46 -3.21
C GLY A 602 -4.94 19.48 -4.70
N LYS A 603 -4.12 18.57 -5.20
CA LYS A 603 -3.85 18.59 -6.64
C LYS A 603 -5.10 18.24 -7.40
N ASP A 604 -5.84 17.26 -6.92
CA ASP A 604 -7.07 16.89 -7.59
C ASP A 604 -8.09 18.04 -7.68
N LEU A 605 -8.14 18.84 -6.60
CA LEU A 605 -9.14 19.91 -6.49
C LEU A 605 -8.61 21.18 -7.17
N LYS A 606 -7.36 21.18 -7.60
CA LYS A 606 -6.71 22.36 -8.11
C LYS A 606 -6.68 23.49 -7.07
N VAL A 607 -6.50 23.09 -5.80
CA VAL A 607 -6.43 24.05 -4.67
C VAL A 607 -5.10 23.91 -3.94
N ASP A 608 -4.40 25.03 -3.89
N ASP A 608 -4.35 25.00 -3.91
CA ASP A 608 -3.13 25.16 -3.18
CA ASP A 608 -2.95 24.98 -3.49
C ASP A 608 -3.35 25.71 -1.75
C ASP A 608 -2.80 25.29 -1.99
ZN ZN B . 0.08 -4.96 -3.10
YB YB C . -42.00 2.56 -21.80
CL CL D . 14.73 17.90 2.16
CL CL E . -35.07 12.22 -14.07
N1 IMD F . -16.63 -3.59 -12.74
C2 IMD F . -15.72 -3.32 -11.76
N3 IMD F . -15.21 -2.09 -12.07
C4 IMD F . -15.89 -1.63 -13.19
C5 IMD F . -16.76 -2.59 -13.63
N1 IMD G . -18.76 -5.71 -1.23
C2 IMD G . -17.71 -5.20 -1.91
N3 IMD G . -16.75 -6.17 -1.89
C4 IMD G . -17.21 -7.23 -1.17
C5 IMD G . -18.47 -6.95 -0.70
C1 GOL H . -0.11 14.64 17.78
O1 GOL H . 0.33 13.32 17.78
C2 GOL H . 0.79 15.45 18.72
O2 GOL H . 0.41 16.82 18.43
C3 GOL H . 0.26 15.08 20.09
O3 GOL H . -1.13 15.38 20.34
CAQ 28P I . 3.12 3.86 -9.65
CAR 28P I . 2.39 3.32 -10.73
CAS 28P I . 2.92 2.32 -11.53
CAT 28P I . 4.23 1.90 -11.30
CAU 28P I . 4.95 2.47 -10.27
CAP 28P I . 4.44 3.44 -9.44
CAO 28P I . 5.19 4.11 -8.29
CAN 28P I . 4.66 3.73 -6.90
CAV 28P I . 3.86 4.62 -6.21
CAW 28P I . 3.38 4.37 -4.95
CAM 28P I . 5.04 2.54 -6.34
CAL 28P I . 4.56 2.23 -5.08
CAK 28P I . 3.71 3.12 -4.39
OAJ 28P I . 3.28 2.78 -3.17
CAI 28P I . 2.34 3.56 -2.46
CAH 28P I . 1.87 2.77 -1.25
CAG 28P I . 1.03 1.58 -1.73
N1 28P I . 0.90 0.53 -0.72
CAX 28P I . 0.19 0.92 0.50
CAB 28P I . 0.28 -0.62 -1.41
CAC 28P I . 0.22 -1.85 -0.51
CAD 28P I . -0.16 -3.10 -1.28
OAF 28P I . -0.42 -4.15 -0.67
OAE 28P I . -0.16 -3.12 -2.53
C ACT J . -40.90 4.91 -22.92
O ACT J . -41.46 4.89 -21.78
OXT ACT J . -40.75 3.76 -23.56
CH3 ACT J . -40.44 6.25 -23.54
YB YB K . 19.73 -15.21 -18.95
YB YB L . 17.37 -16.77 -21.11
YB YB M . 14.91 -11.68 22.94
YB YB N . 17.52 7.47 25.51
YB YB O . 30.21 17.96 18.17
YB YB P . -17.21 20.77 8.77
YB YB Q . 16.62 -15.84 -21.72
N1 IMD R . 15.64 4.65 22.62
C2 IMD R . 15.73 6.00 22.49
N3 IMD R . 16.01 6.60 23.63
C4 IMD R . 16.30 5.63 24.52
C5 IMD R . 16.05 4.40 23.88
#